data_5BYU
#
_entry.id   5BYU
#
_cell.length_a   49.140
_cell.length_b   99.630
_cell.length_c   112.142
_cell.angle_alpha   90.00
_cell.angle_beta   90.21
_cell.angle_gamma   90.00
#
_symmetry.space_group_name_H-M   'P 1 21 1'
#
loop_
_entity.id
_entity.type
_entity.pdbx_description
1 polymer Thioesterase
2 non-polymer 'COENZYME A'
3 water water
#
_entity_poly.entity_id   1
_entity_poly.type   'polypeptide(L)'
_entity_poly.pdbx_seq_one_letter_code
;SNAMTEINKIIHKKTFDIAWGDMDALGHVNNARYFDYFQEARIDWLRELDIKMTGQTGPVVIHVACTFLKPIVYPATVTI
HSKVNSLGNSSMIMDHDLYQEETLMAQGVSKIVWIDYTQNKSVPLPDIIRNLV
;
_entity_poly.pdbx_strand_id   A,B,C,D,E,F,G,H
#
loop_
_chem_comp.id
_chem_comp.type
_chem_comp.name
_chem_comp.formula
COA non-polymer 'COENZYME A' 'C21 H36 N7 O16 P3 S'
#
# COMPACT_ATOMS: atom_id res chain seq x y z
N GLU A 6 29.94 6.87 -10.67
CA GLU A 6 29.50 5.86 -9.72
C GLU A 6 28.89 6.53 -8.49
N ILE A 7 29.58 6.47 -7.35
CA ILE A 7 28.95 6.91 -6.10
C ILE A 7 28.91 8.44 -5.95
N ASN A 8 30.06 9.11 -5.93
CA ASN A 8 30.12 10.51 -5.53
C ASN A 8 29.89 11.48 -6.69
N LYS A 9 29.21 11.00 -7.73
CA LYS A 9 28.82 11.85 -8.84
C LYS A 9 27.50 12.55 -8.60
N ILE A 10 27.37 13.72 -9.21
CA ILE A 10 26.13 14.48 -9.17
C ILE A 10 25.08 13.67 -9.90
N ILE A 11 24.11 13.19 -9.14
CA ILE A 11 23.07 12.31 -9.64
C ILE A 11 21.72 13.01 -9.74
N HIS A 12 21.64 14.22 -9.17
CA HIS A 12 20.41 14.97 -9.27
C HIS A 12 20.62 16.48 -9.18
N LYS A 13 19.97 17.20 -10.09
CA LYS A 13 20.06 18.66 -10.16
C LYS A 13 18.68 19.30 -10.23
N LYS A 14 18.29 20.01 -9.17
CA LYS A 14 17.00 20.69 -9.14
C LYS A 14 17.14 22.20 -9.03
N THR A 15 16.59 22.93 -10.00
CA THR A 15 16.62 24.40 -9.96
C THR A 15 15.24 24.94 -9.58
N PHE A 16 15.21 25.93 -8.67
CA PHE A 16 13.96 26.53 -8.25
C PHE A 16 14.16 27.95 -7.67
N ASP A 17 13.04 28.61 -7.36
CA ASP A 17 13.10 29.97 -6.82
C ASP A 17 12.64 30.08 -5.37
N ILE A 18 13.33 30.95 -4.63
CA ILE A 18 13.05 31.20 -3.21
C ILE A 18 11.82 32.09 -3.03
N ALA A 19 10.96 31.73 -2.07
CA ALA A 19 9.81 32.56 -1.72
C ALA A 19 10.22 33.66 -0.76
N TRP A 20 9.62 34.84 -0.92
CA TRP A 20 9.94 35.99 -0.05
C TRP A 20 9.65 35.70 1.42
N GLY A 21 8.61 34.90 1.67
CA GLY A 21 8.23 34.55 3.03
C GLY A 21 9.16 33.56 3.68
N ASP A 22 10.10 33.02 2.90
CA ASP A 22 11.09 32.08 3.43
C ASP A 22 12.12 32.82 4.27
N MET A 23 12.24 34.12 4.02
CA MET A 23 13.18 34.96 4.75
C MET A 23 12.67 35.26 6.16
N ASP A 24 13.61 35.42 7.08
CA ASP A 24 13.28 35.82 8.43
C ASP A 24 13.36 37.34 8.57
N ALA A 25 13.25 37.83 9.80
CA ALA A 25 13.10 39.27 10.02
C ALA A 25 14.35 40.10 9.73
N LEU A 26 15.46 39.45 9.44
CA LEU A 26 16.68 40.20 9.12
C LEU A 26 17.00 40.19 7.63
N GLY A 27 16.04 39.71 6.83
CA GLY A 27 16.11 39.82 5.38
C GLY A 27 16.85 38.80 4.54
N HIS A 28 17.02 37.59 5.06
CA HIS A 28 17.54 36.50 4.25
C HIS A 28 16.85 35.20 4.65
N VAL A 29 16.93 34.21 3.77
CA VAL A 29 16.30 32.91 4.00
C VAL A 29 16.72 32.27 5.32
N ASN A 30 15.74 31.89 6.13
CA ASN A 30 16.00 31.23 7.40
C ASN A 30 16.65 29.87 7.18
N ASN A 31 17.47 29.44 8.14
CA ASN A 31 18.29 28.25 7.98
C ASN A 31 17.51 26.94 7.83
N ALA A 32 16.35 26.84 8.46
CA ALA A 32 15.53 25.62 8.36
C ALA A 32 15.04 25.40 6.92
N ARG A 33 14.83 26.50 6.20
CA ARG A 33 14.36 26.42 4.83
C ARG A 33 15.38 25.71 3.93
N TYR A 34 16.65 25.81 4.29
CA TYR A 34 17.69 25.09 3.57
C TYR A 34 17.45 23.59 3.66
N PHE A 35 17.08 23.14 4.85
CA PHE A 35 16.80 21.74 5.09
C PHE A 35 15.53 21.34 4.35
N ASP A 36 14.60 22.28 4.22
CA ASP A 36 13.44 22.04 3.36
C ASP A 36 13.84 21.81 1.89
N TYR A 37 14.77 22.64 1.40
CA TYR A 37 15.26 22.53 0.03
C TYR A 37 15.93 21.18 -0.21
N PHE A 38 16.83 20.83 0.70
CA PHE A 38 17.58 19.59 0.63
C PHE A 38 16.58 18.44 0.65
N GLN A 39 15.58 18.57 1.52
CA GLN A 39 14.48 17.63 1.59
C GLN A 39 13.79 17.39 0.25
N GLU A 40 13.44 18.48 -0.44
CA GLU A 40 12.72 18.34 -1.70
C GLU A 40 13.60 17.73 -2.80
N ALA A 41 14.87 18.11 -2.81
CA ALA A 41 15.81 17.55 -3.78
C ALA A 41 15.97 16.04 -3.57
N ARG A 42 16.20 15.66 -2.31
CA ARG A 42 16.36 14.25 -1.92
C ARG A 42 15.13 13.44 -2.29
N ILE A 43 13.97 13.94 -1.89
CA ILE A 43 12.71 13.25 -2.18
C ILE A 43 12.47 13.09 -3.68
N ASP A 44 12.78 14.14 -4.44
CA ASP A 44 12.62 14.09 -5.89
C ASP A 44 13.52 13.00 -6.50
N TRP A 45 14.78 12.95 -6.08
CA TRP A 45 15.70 11.94 -6.61
C TRP A 45 15.26 10.53 -6.24
N LEU A 46 14.80 10.36 -5.00
CA LEU A 46 14.29 9.07 -4.56
C LEU A 46 13.05 8.70 -5.38
N ARG A 47 12.29 9.71 -5.78
CA ARG A 47 11.15 9.51 -6.67
C ARG A 47 11.64 8.97 -7.99
N GLU A 48 12.77 9.49 -8.47
CA GLU A 48 13.40 8.98 -9.68
C GLU A 48 13.86 7.54 -9.52
N LEU A 49 14.11 7.13 -8.27
CA LEU A 49 14.64 5.79 -8.04
C LEU A 49 13.67 4.69 -7.57
N ASP A 50 12.36 4.86 -7.80
CA ASP A 50 11.35 3.88 -7.39
C ASP A 50 11.34 3.71 -5.88
N ILE A 51 11.75 4.76 -5.16
CA ILE A 51 11.69 4.75 -3.71
C ILE A 51 10.64 5.75 -3.24
N LYS A 52 9.71 5.24 -2.44
CA LYS A 52 8.51 5.99 -2.08
C LYS A 52 8.37 6.21 -0.57
N MET A 53 7.69 7.29 -0.19
CA MET A 53 7.46 7.57 1.22
C MET A 53 6.28 6.77 1.76
N THR A 54 5.51 6.19 0.84
CA THR A 54 4.31 5.42 1.17
C THR A 54 4.51 4.07 1.87
N GLY A 55 5.54 3.32 1.46
CA GLY A 55 5.69 1.93 1.87
C GLY A 55 5.88 1.64 3.35
N GLN A 56 5.81 0.36 3.71
CA GLN A 56 5.98 -0.07 5.11
C GLN A 56 7.36 0.23 5.64
N THR A 57 8.35 0.11 4.75
CA THR A 57 9.73 0.38 5.09
C THR A 57 10.22 1.59 4.31
N GLY A 58 11.08 2.40 4.91
CA GLY A 58 11.57 3.57 4.23
C GLY A 58 12.67 4.32 4.94
N PRO A 59 13.20 5.37 4.28
CA PRO A 59 14.28 6.20 4.80
C PRO A 59 13.84 7.19 5.88
N VAL A 60 14.71 7.40 6.86
CA VAL A 60 14.55 8.42 7.88
C VAL A 60 15.88 9.14 8.12
N VAL A 61 15.82 10.46 8.25
CA VAL A 61 17.03 11.23 8.48
C VAL A 61 17.48 11.03 9.93
N ILE A 62 18.73 10.63 10.12
CA ILE A 62 19.25 10.45 11.47
C ILE A 62 20.13 11.64 11.77
N HIS A 63 20.78 12.16 10.74
CA HIS A 63 21.59 13.35 10.93
C HIS A 63 21.44 14.28 9.74
N VAL A 64 21.55 15.58 9.96
CA VAL A 64 21.56 16.52 8.86
C VAL A 64 22.31 17.77 9.30
N ALA A 65 23.02 18.39 8.35
CA ALA A 65 23.87 19.53 8.67
C ALA A 65 23.97 20.47 7.48
N CYS A 66 24.21 21.75 7.76
CA CYS A 66 24.42 22.69 6.68
C CYS A 66 25.45 23.75 7.02
N THR A 67 26.29 24.07 6.04
CA THR A 67 27.30 25.12 6.14
C THR A 67 26.90 26.30 5.28
N PHE A 68 26.79 27.46 5.91
CA PHE A 68 26.35 28.66 5.20
C PHE A 68 27.52 29.58 4.86
N LEU A 69 27.82 29.68 3.57
CA LEU A 69 28.99 30.42 3.11
C LEU A 69 28.61 31.82 2.68
N LYS A 70 27.50 31.95 1.97
CA LYS A 70 26.96 33.23 1.57
C LYS A 70 25.44 33.22 1.71
N PRO A 71 24.88 34.28 2.31
CA PRO A 71 23.44 34.45 2.56
C PRO A 71 22.60 34.60 1.29
N ILE A 72 21.38 34.08 1.30
CA ILE A 72 20.48 34.18 0.15
C ILE A 72 19.35 35.18 0.41
N VAL A 73 19.16 36.11 -0.52
CA VAL A 73 18.13 37.15 -0.37
C VAL A 73 17.15 37.13 -1.54
N TYR A 74 15.88 37.44 -1.25
CA TYR A 74 14.86 37.56 -2.28
C TYR A 74 15.09 38.78 -3.17
N PRO A 75 14.98 38.60 -4.49
CA PRO A 75 14.77 37.31 -5.18
C PRO A 75 16.06 36.59 -5.56
N ALA A 76 16.01 35.26 -5.64
CA ALA A 76 17.16 34.45 -6.00
C ALA A 76 16.75 33.13 -6.65
N THR A 77 17.37 32.81 -7.78
CA THR A 77 17.19 31.51 -8.43
C THR A 77 18.35 30.58 -8.09
N VAL A 78 18.03 29.46 -7.45
CA VAL A 78 19.08 28.59 -6.93
C VAL A 78 19.08 27.22 -7.59
N THR A 79 20.26 26.62 -7.66
CA THR A 79 20.43 25.28 -8.19
C THR A 79 21.06 24.37 -7.14
N ILE A 80 20.50 23.18 -6.97
CA ILE A 80 21.07 22.21 -6.04
C ILE A 80 21.67 21.04 -6.81
N HIS A 81 22.93 20.75 -6.50
CA HIS A 81 23.63 19.62 -7.09
C HIS A 81 23.81 18.56 -6.02
N SER A 82 23.30 17.36 -6.26
CA SER A 82 23.23 16.34 -5.22
C SER A 82 24.08 15.13 -5.56
N LYS A 83 24.81 14.60 -4.56
CA LYS A 83 25.62 13.40 -4.76
C LYS A 83 25.45 12.49 -3.53
N VAL A 84 25.50 11.18 -3.73
CA VAL A 84 25.47 10.23 -2.61
C VAL A 84 26.85 9.63 -2.36
N ASN A 85 27.39 9.74 -1.16
CA ASN A 85 28.75 9.21 -0.96
C ASN A 85 28.91 7.94 -0.11
N SER A 86 28.41 7.90 1.12
CA SER A 86 28.77 6.79 2.01
C SER A 86 27.61 5.88 2.30
N LEU A 87 27.78 4.61 1.95
CA LEU A 87 26.72 3.62 2.14
C LEU A 87 27.09 2.66 3.26
N GLY A 88 26.26 2.62 4.29
CA GLY A 88 26.46 1.63 5.33
C GLY A 88 25.63 0.43 4.94
N ASN A 89 25.34 -0.44 5.90
CA ASN A 89 24.43 -1.54 5.62
C ASN A 89 23.03 -1.01 5.66
N SER A 90 22.75 -0.17 6.65
CA SER A 90 21.46 0.49 6.76
C SER A 90 21.55 1.99 6.52
N SER A 91 22.73 2.56 6.69
CA SER A 91 22.87 4.02 6.64
C SER A 91 23.45 4.50 5.32
N MET A 92 23.23 5.78 5.02
CA MET A 92 23.85 6.40 3.87
C MET A 92 24.06 7.90 4.09
N ILE A 93 25.05 8.46 3.39
CA ILE A 93 25.31 9.90 3.45
C ILE A 93 25.03 10.55 2.10
N MET A 94 24.31 11.66 2.13
CA MET A 94 23.97 12.39 0.91
C MET A 94 24.41 13.85 1.02
N ASP A 95 24.99 14.39 -0.05
CA ASP A 95 25.51 15.75 -0.07
C ASP A 95 24.70 16.63 -1.02
N HIS A 96 24.49 17.87 -0.61
CA HIS A 96 23.73 18.84 -1.38
C HIS A 96 24.52 20.13 -1.54
N ASP A 97 24.84 20.54 -2.76
CA ASP A 97 25.48 21.82 -2.96
C ASP A 97 24.50 22.86 -3.45
N LEU A 98 24.42 23.98 -2.72
CA LEU A 98 23.47 25.03 -3.05
C LEU A 98 24.17 26.24 -3.67
N TYR A 99 23.82 26.47 -4.94
CA TYR A 99 24.41 27.52 -5.76
C TYR A 99 23.43 28.64 -6.09
N GLN A 100 23.89 29.88 -5.97
CA GLN A 100 23.18 31.00 -6.54
C GLN A 100 24.00 31.44 -7.74
N GLU A 101 23.42 31.34 -8.92
CA GLU A 101 24.15 31.56 -10.15
C GLU A 101 25.35 30.61 -10.14
N GLU A 102 26.52 31.12 -10.53
CA GLU A 102 27.77 30.39 -10.38
C GLU A 102 28.13 30.17 -8.90
N THR A 103 27.90 31.20 -8.10
CA THR A 103 28.34 31.28 -6.71
C THR A 103 27.76 30.16 -5.85
N LEU A 104 28.61 29.54 -5.05
CA LEU A 104 28.18 28.49 -4.13
C LEU A 104 27.77 29.04 -2.77
N MET A 105 26.52 28.80 -2.40
CA MET A 105 25.94 29.43 -1.21
C MET A 105 25.92 28.55 0.03
N ALA A 106 25.68 27.25 -0.14
CA ALA A 106 25.55 26.41 1.05
C ALA A 106 25.97 24.94 0.83
N GLN A 107 26.22 24.25 1.94
CA GLN A 107 26.65 22.85 1.90
C GLN A 107 25.78 21.98 2.81
N GLY A 108 25.08 21.00 2.26
CA GLY A 108 24.27 20.14 3.08
C GLY A 108 24.79 18.73 3.14
N VAL A 109 24.71 18.11 4.31
CA VAL A 109 25.08 16.71 4.47
C VAL A 109 24.00 16.02 5.29
N SER A 110 23.40 14.98 4.74
CA SER A 110 22.35 14.28 5.47
C SER A 110 22.63 12.80 5.56
N LYS A 111 22.64 12.29 6.79
CA LYS A 111 22.73 10.86 7.02
C LYS A 111 21.31 10.34 7.18
N ILE A 112 20.99 9.38 6.31
CA ILE A 112 19.67 8.79 6.19
C ILE A 112 19.75 7.30 6.52
N VAL A 113 18.75 6.80 7.24
CA VAL A 113 18.70 5.37 7.56
C VAL A 113 17.41 4.75 7.06
N TRP A 114 17.50 3.51 6.61
CA TRP A 114 16.30 2.76 6.24
C TRP A 114 15.76 2.05 7.45
N ILE A 115 14.46 2.20 7.66
CA ILE A 115 13.80 1.57 8.80
C ILE A 115 12.43 1.05 8.41
N ASP A 116 11.89 0.16 9.24
CA ASP A 116 10.48 -0.18 9.16
C ASP A 116 9.76 0.87 9.98
N TYR A 117 8.91 1.66 9.33
CA TYR A 117 8.29 2.81 9.99
C TYR A 117 7.50 2.36 11.20
N THR A 118 6.76 1.27 11.04
CA THR A 118 5.93 0.76 12.11
C THR A 118 6.78 0.32 13.32
N GLN A 119 7.86 -0.40 13.06
CA GLN A 119 8.73 -0.95 14.12
C GLN A 119 9.92 -0.08 14.53
N ASN A 120 10.03 1.10 13.94
CA ASN A 120 11.14 2.05 14.20
C ASN A 120 12.52 1.41 14.47
N LYS A 121 12.85 0.41 13.65
CA LYS A 121 14.12 -0.30 13.74
C LYS A 121 14.80 -0.19 12.40
N SER A 122 16.12 -0.06 12.42
CA SER A 122 16.90 0.10 11.19
C SER A 122 16.74 -1.17 10.39
N VAL A 123 16.66 -1.02 9.08
CA VAL A 123 16.59 -2.16 8.17
C VAL A 123 17.67 -1.92 7.12
N PRO A 124 18.24 -2.99 6.57
CA PRO A 124 19.34 -2.76 5.63
C PRO A 124 18.94 -1.98 4.39
N LEU A 125 19.98 -1.47 3.72
CA LEU A 125 19.84 -0.59 2.57
C LEU A 125 19.46 -1.35 1.30
N PRO A 126 18.53 -0.78 0.51
CA PRO A 126 18.02 -1.36 -0.75
C PRO A 126 19.08 -1.49 -1.87
N ASP A 127 18.82 -2.41 -2.78
CA ASP A 127 19.74 -2.80 -3.84
C ASP A 127 19.91 -1.79 -4.97
N ILE A 128 18.87 -1.00 -5.19
CA ILE A 128 18.86 -0.04 -6.29
C ILE A 128 19.87 1.09 -6.10
N ILE A 129 20.13 1.46 -4.86
CA ILE A 129 21.17 2.44 -4.56
C ILE A 129 22.52 1.73 -4.60
N ARG A 130 22.53 0.48 -4.16
CA ARG A 130 23.73 -0.35 -4.19
C ARG A 130 24.28 -0.45 -5.61
N ASN A 131 23.39 -0.32 -6.60
CA ASN A 131 23.78 -0.39 -8.00
C ASN A 131 24.54 0.84 -8.50
N LEU A 132 24.72 1.83 -7.65
CA LEU A 132 25.40 3.07 -8.05
C LEU A 132 26.90 2.95 -7.87
N VAL A 133 27.38 1.74 -7.66
CA VAL A 133 28.81 1.50 -7.51
C VAL A 133 29.45 1.22 -8.87
N GLU B 6 30.79 26.61 34.29
CA GLU B 6 30.35 27.88 33.71
C GLU B 6 30.02 27.71 32.22
N ILE B 7 30.95 27.15 31.44
CA ILE B 7 30.78 27.14 29.98
C ILE B 7 29.74 26.10 29.49
N ASN B 8 29.98 24.82 29.73
CA ASN B 8 29.17 23.75 29.15
C ASN B 8 28.06 23.37 30.10
N LYS B 9 27.72 24.32 30.97
CA LYS B 9 26.65 24.18 31.94
C LYS B 9 25.34 24.50 31.23
N ILE B 10 24.23 23.95 31.71
CA ILE B 10 22.92 24.22 31.14
C ILE B 10 22.58 25.70 31.32
N ILE B 11 22.53 26.45 30.22
CA ILE B 11 22.27 27.88 30.31
C ILE B 11 20.88 28.26 29.80
N HIS B 12 20.17 27.31 29.21
CA HIS B 12 18.79 27.56 28.81
C HIS B 12 17.94 26.30 28.73
N LYS B 13 16.75 26.36 29.32
CA LYS B 13 15.83 25.23 29.31
C LYS B 13 14.44 25.68 28.86
N LYS B 14 14.03 25.20 27.69
CA LYS B 14 12.72 25.51 27.12
C LYS B 14 11.82 24.29 27.03
N THR B 15 10.70 24.31 27.74
CA THR B 15 9.73 23.23 27.61
C THR B 15 8.51 23.74 26.86
N PHE B 16 8.03 22.95 25.91
CA PHE B 16 6.86 23.33 25.11
C PHE B 16 6.17 22.12 24.50
N ASP B 17 5.05 22.37 23.82
CA ASP B 17 4.28 21.33 23.19
C ASP B 17 4.38 21.48 21.67
N ILE B 18 4.50 20.37 20.96
CA ILE B 18 4.63 20.43 19.51
C ILE B 18 3.30 20.76 18.84
N ALA B 19 3.38 21.56 17.79
CA ALA B 19 2.21 21.89 16.99
C ALA B 19 1.90 20.75 16.04
N TRP B 20 0.62 20.46 15.86
CA TRP B 20 0.20 19.38 14.97
C TRP B 20 0.65 19.65 13.54
N GLY B 21 0.67 20.91 13.14
CA GLY B 21 1.05 21.29 11.80
C GLY B 21 2.53 21.16 11.54
N ASP B 22 3.30 20.90 12.59
CA ASP B 22 4.73 20.67 12.46
C ASP B 22 5.02 19.28 11.91
N MET B 23 4.06 18.37 12.04
CA MET B 23 4.25 17.01 11.54
C MET B 23 4.20 16.97 10.01
N ASP B 24 4.98 16.08 9.43
CA ASP B 24 4.95 15.84 7.98
C ASP B 24 4.03 14.67 7.66
N ALA B 25 4.05 14.25 6.39
CA ALA B 25 3.11 13.24 5.89
C ALA B 25 3.36 11.84 6.45
N LEU B 26 4.41 11.70 7.26
CA LEU B 26 4.75 10.40 7.84
C LEU B 26 4.31 10.29 9.29
N GLY B 27 3.60 11.30 9.77
CA GLY B 27 2.95 11.27 11.07
C GLY B 27 3.82 11.59 12.26
N HIS B 28 4.96 12.23 12.01
CA HIS B 28 5.81 12.77 13.06
C HIS B 28 6.49 14.06 12.63
N VAL B 29 6.98 14.83 13.60
CA VAL B 29 7.54 16.16 13.37
C VAL B 29 8.60 16.21 12.26
N ASN B 30 8.40 17.14 11.32
CA ASN B 30 9.32 17.34 10.21
C ASN B 30 10.66 17.86 10.73
N ASN B 31 11.72 17.51 10.01
CA ASN B 31 13.09 17.73 10.46
C ASN B 31 13.53 19.20 10.57
N ALA B 32 13.06 20.06 9.67
CA ALA B 32 13.40 21.48 9.71
C ALA B 32 12.81 22.16 10.94
N ARG B 33 11.71 21.61 11.42
CA ARG B 33 10.99 22.16 12.54
C ARG B 33 11.88 22.14 13.78
N TYR B 34 12.76 21.15 13.82
CA TYR B 34 13.73 21.00 14.91
C TYR B 34 14.66 22.22 14.94
N PHE B 35 15.08 22.64 13.75
CA PHE B 35 15.95 23.79 13.61
C PHE B 35 15.20 25.06 13.98
N ASP B 36 13.90 25.09 13.73
CA ASP B 36 13.07 26.18 14.24
C ASP B 36 13.13 26.21 15.78
N TYR B 37 13.01 25.03 16.38
CA TYR B 37 13.02 24.91 17.84
C TYR B 37 14.33 25.40 18.43
N PHE B 38 15.44 24.90 17.89
CA PHE B 38 16.77 25.28 18.35
C PHE B 38 17.00 26.78 18.17
N GLN B 39 16.60 27.27 17.01
CA GLN B 39 16.69 28.70 16.73
C GLN B 39 15.98 29.54 17.79
N GLU B 40 14.73 29.21 18.12
CA GLU B 40 13.99 30.01 19.10
C GLU B 40 14.52 29.87 20.53
N ALA B 41 14.97 28.68 20.90
CA ALA B 41 15.55 28.48 22.23
C ALA B 41 16.78 29.38 22.37
N ARG B 42 17.63 29.33 21.35
CA ARG B 42 18.83 30.16 21.29
C ARG B 42 18.53 31.65 21.37
N ILE B 43 17.58 32.11 20.55
CA ILE B 43 17.19 33.52 20.54
C ILE B 43 16.67 33.96 21.91
N ASP B 44 15.91 33.09 22.57
CA ASP B 44 15.45 33.39 23.93
C ASP B 44 16.63 33.57 24.86
N TRP B 45 17.62 32.71 24.74
CA TRP B 45 18.79 32.83 25.56
C TRP B 45 19.56 34.14 25.32
N LEU B 46 19.68 34.54 24.06
CA LEU B 46 20.33 35.80 23.75
C LEU B 46 19.54 36.94 24.36
N ARG B 47 18.22 36.79 24.36
CA ARG B 47 17.32 37.74 24.98
C ARG B 47 17.63 37.79 26.48
N GLU B 48 17.95 36.63 27.04
CA GLU B 48 18.34 36.48 28.43
C GLU B 48 19.63 37.25 28.69
N LEU B 49 20.42 37.42 27.64
CA LEU B 49 21.65 38.19 27.78
C LEU B 49 21.44 39.61 27.25
N ASP B 50 20.16 40.00 27.19
CA ASP B 50 19.76 41.34 26.74
C ASP B 50 20.20 41.59 25.31
N ILE B 51 20.30 40.51 24.54
CA ILE B 51 20.61 40.60 23.13
C ILE B 51 19.41 40.25 22.27
N LYS B 52 19.06 41.19 21.38
CA LYS B 52 17.89 41.09 20.53
C LYS B 52 18.43 41.16 19.11
N MET B 53 17.65 40.66 18.15
CA MET B 53 18.12 40.55 16.79
C MET B 53 18.20 41.87 16.03
N THR B 54 17.63 42.93 16.61
CA THR B 54 17.53 44.26 15.99
C THR B 54 18.80 45.09 15.75
N GLY B 55 19.77 45.05 16.66
CA GLY B 55 20.90 45.97 16.63
C GLY B 55 21.79 45.92 15.40
N GLN B 56 22.75 46.85 15.30
CA GLN B 56 23.66 46.90 14.15
C GLN B 56 24.46 45.61 14.05
N THR B 57 24.79 45.03 15.20
CA THR B 57 25.56 43.79 15.30
C THR B 57 24.68 42.67 15.85
N GLY B 58 24.92 41.46 15.39
CA GLY B 58 24.17 40.33 15.87
C GLY B 58 24.71 38.99 15.41
N PRO B 59 24.11 37.90 15.91
CA PRO B 59 24.51 36.52 15.62
C PRO B 59 24.09 36.07 14.22
N VAL B 60 24.93 35.25 13.59
CA VAL B 60 24.63 34.63 12.32
C VAL B 60 25.01 33.16 12.37
N VAL B 61 24.12 32.29 11.92
CA VAL B 61 24.39 30.87 11.94
C VAL B 61 25.35 30.58 10.78
N ILE B 62 26.49 29.98 11.10
CA ILE B 62 27.44 29.63 10.05
C ILE B 62 27.37 28.12 9.82
N HIS B 63 27.04 27.36 10.87
CA HIS B 63 26.81 25.93 10.68
C HIS B 63 25.67 25.49 11.58
N VAL B 64 24.92 24.48 11.15
CA VAL B 64 23.89 23.91 12.02
C VAL B 64 23.65 22.46 11.64
N ALA B 65 23.40 21.63 12.64
CA ALA B 65 23.25 20.19 12.46
C ALA B 65 22.34 19.60 13.52
N CYS B 66 21.69 18.48 13.21
CA CYS B 66 20.88 17.79 14.21
C CYS B 66 20.91 16.28 14.03
N THR B 67 20.96 15.57 15.17
CA THR B 67 20.88 14.12 15.18
C THR B 67 19.54 13.74 15.77
N PHE B 68 18.76 12.97 15.02
CA PHE B 68 17.42 12.59 15.43
C PHE B 68 17.41 11.15 15.94
N LEU B 69 17.16 10.98 17.24
CA LEU B 69 17.33 9.68 17.87
C LEU B 69 16.01 8.91 17.95
N LYS B 70 14.93 9.59 18.29
CA LYS B 70 13.59 8.98 18.31
C LYS B 70 12.55 9.95 17.76
N PRO B 71 11.64 9.45 16.91
CA PRO B 71 10.60 10.25 16.24
C PRO B 71 9.61 10.90 17.21
N ILE B 72 9.14 12.10 16.88
CA ILE B 72 8.17 12.83 17.71
C ILE B 72 6.77 12.91 17.11
N VAL B 73 5.75 12.52 17.86
CA VAL B 73 4.38 12.55 17.34
C VAL B 73 3.44 13.41 18.17
N TYR B 74 2.48 14.04 17.49
CA TYR B 74 1.44 14.81 18.17
C TYR B 74 0.46 13.93 18.92
N PRO B 75 0.15 14.30 20.18
CA PRO B 75 0.74 15.41 20.96
C PRO B 75 1.95 14.99 21.77
N ALA B 76 2.87 15.92 22.03
CA ALA B 76 4.07 15.62 22.78
C ALA B 76 4.60 16.87 23.49
N THR B 77 4.97 16.75 24.75
CA THR B 77 5.64 17.85 25.45
C THR B 77 7.14 17.62 25.45
N VAL B 78 7.88 18.51 24.81
CA VAL B 78 9.32 18.33 24.65
C VAL B 78 10.10 19.43 25.36
N THR B 79 11.28 19.08 25.84
CA THR B 79 12.16 20.04 26.51
C THR B 79 13.49 20.17 25.81
N ILE B 80 13.94 21.41 25.63
CA ILE B 80 15.23 21.68 25.02
C ILE B 80 16.19 22.18 26.09
N HIS B 81 17.34 21.52 26.21
CA HIS B 81 18.37 21.94 27.14
C HIS B 81 19.56 22.45 26.36
N SER B 82 19.92 23.71 26.57
CA SER B 82 20.92 24.34 25.72
C SER B 82 22.14 24.77 26.52
N LYS B 83 23.32 24.54 25.95
CA LYS B 83 24.57 24.93 26.59
C LYS B 83 25.50 25.52 25.54
N VAL B 84 26.36 26.44 25.93
CA VAL B 84 27.38 26.96 25.01
C VAL B 84 28.66 26.22 25.30
N ASN B 85 29.30 25.63 24.28
CA ASN B 85 30.45 24.81 24.60
C ASN B 85 31.82 25.50 24.35
N SER B 86 32.13 25.93 23.13
CA SER B 86 33.45 26.48 22.80
C SER B 86 33.40 27.89 22.19
N LEU B 87 34.11 28.84 22.79
CA LEU B 87 34.07 30.24 22.36
C LEU B 87 35.31 30.74 21.62
N GLY B 88 35.13 31.22 20.39
CA GLY B 88 36.17 31.90 19.65
C GLY B 88 36.05 33.40 19.84
N ASN B 89 36.65 34.19 18.94
CA ASN B 89 36.48 35.63 18.98
C ASN B 89 35.16 36.06 18.36
N SER B 90 34.81 35.47 17.23
CA SER B 90 33.52 35.76 16.62
C SER B 90 32.57 34.57 16.69
N SER B 91 33.11 33.37 16.84
CA SER B 91 32.26 32.18 16.76
C SER B 91 31.94 31.60 18.14
N MET B 92 30.86 30.85 18.19
CA MET B 92 30.47 30.09 19.37
C MET B 92 29.63 28.90 18.95
N ILE B 93 29.66 27.83 19.74
CA ILE B 93 28.83 26.66 19.47
C ILE B 93 27.81 26.44 20.58
N MET B 94 26.58 26.14 20.21
CA MET B 94 25.53 25.86 21.19
C MET B 94 24.97 24.46 20.93
N ASP B 95 24.79 23.71 22.00
CA ASP B 95 24.31 22.34 21.93
C ASP B 95 22.94 22.26 22.56
N HIS B 96 22.06 21.47 21.95
CA HIS B 96 20.69 21.34 22.42
C HIS B 96 20.24 19.89 22.58
N ASP B 97 19.86 19.49 23.78
CA ASP B 97 19.30 18.16 23.95
C ASP B 97 17.79 18.27 24.03
N LEU B 98 17.10 17.60 23.12
CA LEU B 98 15.64 17.66 23.10
C LEU B 98 15.09 16.31 23.53
N TYR B 99 14.40 16.34 24.67
CA TYR B 99 13.82 15.17 25.32
C TYR B 99 12.31 15.20 25.24
N GLN B 100 11.69 14.05 24.97
CA GLN B 100 10.27 13.91 25.26
C GLN B 100 10.22 13.10 26.53
N GLU B 101 9.80 13.77 27.61
CA GLU B 101 9.84 13.21 28.96
C GLU B 101 11.30 12.85 29.26
N GLU B 102 11.54 11.61 29.67
CA GLU B 102 12.91 11.14 29.94
C GLU B 102 13.72 10.73 28.70
N THR B 103 13.03 10.36 27.62
CA THR B 103 13.68 9.89 26.40
C THR B 103 14.21 11.03 25.53
N LEU B 104 15.41 10.84 25.01
CA LEU B 104 16.06 11.81 24.15
C LEU B 104 15.68 11.64 22.68
N MET B 105 15.12 12.69 22.09
CA MET B 105 14.62 12.66 20.73
C MET B 105 15.69 13.18 19.81
N ALA B 106 16.37 14.24 20.22
CA ALA B 106 17.36 14.82 19.31
C ALA B 106 18.49 15.57 20.01
N GLN B 107 19.58 15.77 19.27
CA GLN B 107 20.68 16.59 19.74
C GLN B 107 21.11 17.53 18.62
N GLY B 108 21.04 18.83 18.87
CA GLY B 108 21.38 19.81 17.87
C GLY B 108 22.67 20.53 18.17
N VAL B 109 23.41 20.87 17.11
CA VAL B 109 24.65 21.62 17.24
C VAL B 109 24.61 22.82 16.32
N SER B 110 24.80 24.01 16.86
CA SER B 110 24.77 25.19 16.02
C SER B 110 26.00 26.06 16.23
N LYS B 111 26.72 26.30 15.14
CA LYS B 111 27.84 27.24 15.16
C LYS B 111 27.37 28.60 14.66
N ILE B 112 27.53 29.59 15.53
CA ILE B 112 27.05 30.95 15.32
C ILE B 112 28.24 31.89 15.24
N VAL B 113 28.17 32.87 14.35
CA VAL B 113 29.22 33.87 14.23
C VAL B 113 28.63 35.27 14.43
N TRP B 114 29.38 36.15 15.09
CA TRP B 114 28.95 37.54 15.20
C TRP B 114 29.47 38.34 14.02
N ILE B 115 28.59 39.12 13.42
CA ILE B 115 28.96 39.92 12.26
C ILE B 115 28.36 41.31 12.26
N ASP B 116 28.95 42.17 11.44
CA ASP B 116 28.34 43.42 11.06
C ASP B 116 27.47 43.06 9.87
N TYR B 117 26.14 43.17 10.03
CA TYR B 117 25.24 42.67 9.00
C TYR B 117 25.40 43.39 7.67
N THR B 118 25.49 44.72 7.73
CA THR B 118 25.61 45.53 6.53
C THR B 118 26.92 45.25 5.77
N GLN B 119 28.02 45.16 6.50
CA GLN B 119 29.32 44.94 5.86
C GLN B 119 29.70 43.47 5.72
N ASN B 120 28.92 42.57 6.32
CA ASN B 120 29.17 41.12 6.22
C ASN B 120 30.55 40.70 6.67
N LYS B 121 30.99 41.26 7.79
CA LYS B 121 32.33 41.01 8.29
C LYS B 121 32.30 40.46 9.69
N SER B 122 33.28 39.61 9.99
CA SER B 122 33.34 38.98 11.30
C SER B 122 33.54 40.09 12.31
N VAL B 123 32.88 39.98 13.45
CA VAL B 123 33.03 40.93 14.52
C VAL B 123 33.19 40.17 15.84
N PRO B 124 33.91 40.74 16.82
CA PRO B 124 34.14 39.98 18.04
C PRO B 124 32.89 39.60 18.83
N LEU B 125 33.07 38.66 19.74
CA LEU B 125 31.99 38.13 20.56
C LEU B 125 31.62 39.15 21.63
N PRO B 126 30.33 39.25 21.96
CA PRO B 126 29.93 40.18 23.03
C PRO B 126 30.54 39.77 24.35
N ASP B 127 30.76 40.74 25.24
CA ASP B 127 31.44 40.47 26.50
C ASP B 127 30.54 39.67 27.43
N ILE B 128 29.23 39.85 27.23
CA ILE B 128 28.23 39.16 28.02
C ILE B 128 28.28 37.66 27.68
N ILE B 129 28.72 37.34 26.47
CA ILE B 129 28.94 35.96 26.07
C ILE B 129 30.24 35.47 26.71
N ARG B 130 31.24 36.36 26.72
CA ARG B 130 32.52 36.10 27.35
C ARG B 130 32.45 35.79 28.84
N ASN B 131 31.39 36.24 29.50
CA ASN B 131 31.28 36.02 30.94
C ASN B 131 31.02 34.56 31.36
N LEU B 132 30.80 33.68 30.38
CA LEU B 132 30.49 32.28 30.69
C LEU B 132 31.73 31.39 30.74
N VAL B 133 32.91 32.00 30.74
CA VAL B 133 34.14 31.23 30.78
C VAL B 133 34.64 31.04 32.20
N ILE C 11 -14.79 30.18 25.25
CA ILE C 11 -14.78 28.99 26.08
C ILE C 11 -13.51 28.17 25.88
N HIS C 12 -12.54 28.73 25.20
CA HIS C 12 -11.23 28.10 25.17
C HIS C 12 -10.16 29.10 24.90
N LYS C 13 -9.08 29.08 25.67
CA LYS C 13 -8.01 30.04 25.43
C LYS C 13 -6.64 29.38 25.44
N LYS C 14 -5.94 29.46 24.32
CA LYS C 14 -4.59 28.93 24.22
C LYS C 14 -3.62 30.10 24.16
N THR C 15 -2.78 30.20 25.19
CA THR C 15 -1.79 31.26 25.28
C THR C 15 -0.40 30.71 24.98
N PHE C 16 0.38 31.45 24.21
CA PHE C 16 1.73 31.00 23.88
C PHE C 16 2.65 32.15 23.51
N ASP C 17 3.91 31.83 23.24
CA ASP C 17 4.90 32.86 22.90
C ASP C 17 5.21 32.78 21.42
N ILE C 18 5.40 33.94 20.80
CA ILE C 18 5.65 34.04 19.38
C ILE C 18 7.07 33.60 19.06
N ALA C 19 7.22 32.80 18.01
CA ALA C 19 8.53 32.41 17.55
C ALA C 19 9.11 33.52 16.67
N TRP C 20 10.39 33.80 16.83
CA TRP C 20 11.06 34.83 16.04
C TRP C 20 11.05 34.50 14.56
N GLY C 21 11.12 33.21 14.25
CA GLY C 21 11.14 32.75 12.87
C GLY C 21 9.80 32.83 12.17
N ASP C 22 8.75 33.17 12.91
CA ASP C 22 7.43 33.35 12.32
C ASP C 22 7.34 34.66 11.55
N MET C 23 8.22 35.60 11.89
CA MET C 23 8.24 36.89 11.23
C MET C 23 8.84 36.79 9.83
N ASP C 24 8.33 37.63 8.94
CA ASP C 24 8.87 37.74 7.61
C ASP C 24 9.88 38.88 7.56
N ALA C 25 10.34 39.21 6.36
CA ALA C 25 11.42 40.18 6.22
C ALA C 25 11.01 41.61 6.57
N LEU C 26 9.73 41.80 6.90
CA LEU C 26 9.24 43.12 7.24
C LEU C 26 9.08 43.34 8.74
N GLY C 27 9.51 42.37 9.54
CA GLY C 27 9.56 42.56 10.97
C GLY C 27 8.25 42.37 11.69
N HIS C 28 7.35 41.58 11.11
CA HIS C 28 6.09 41.26 11.77
C HIS C 28 5.75 39.80 11.54
N VAL C 29 4.92 39.24 12.42
CA VAL C 29 4.47 37.86 12.28
C VAL C 29 3.80 37.71 10.93
N ASN C 30 4.21 36.72 10.15
CA ASN C 30 3.62 36.51 8.83
C ASN C 30 2.14 36.17 8.94
N ASN C 31 1.35 36.61 7.96
CA ASN C 31 -0.10 36.47 8.04
C ASN C 31 -0.58 35.02 8.00
N ALA C 32 0.09 34.17 7.24
CA ALA C 32 -0.26 32.76 7.15
C ALA C 32 -0.02 32.05 8.48
N ARG C 33 0.95 32.58 9.22
CA ARG C 33 1.33 32.00 10.50
C ARG C 33 0.15 32.08 11.46
N TYR C 34 -0.70 33.08 11.25
CA TYR C 34 -1.91 33.23 12.04
C TYR C 34 -2.82 32.03 11.84
N PHE C 35 -2.94 31.60 10.59
CA PHE C 35 -3.77 30.45 10.28
C PHE C 35 -3.16 29.19 10.85
N ASP C 36 -1.82 29.15 10.90
CA ASP C 36 -1.19 28.07 11.64
C ASP C 36 -1.59 28.10 13.13
N TYR C 37 -1.61 29.29 13.71
CA TYR C 37 -1.99 29.44 15.12
C TYR C 37 -3.41 28.95 15.39
N PHE C 38 -4.35 29.45 14.58
CA PHE C 38 -5.76 29.11 14.74
C PHE C 38 -5.98 27.62 14.51
N GLN C 39 -5.36 27.09 13.47
CA GLN C 39 -5.41 25.66 13.20
C GLN C 39 -4.96 24.88 14.43
N GLU C 40 -3.86 25.32 15.04
CA GLU C 40 -3.34 24.62 16.21
C GLU C 40 -4.30 24.71 17.40
N ALA C 41 -4.95 25.86 17.56
CA ALA C 41 -5.92 26.04 18.64
C ALA C 41 -7.12 25.10 18.47
N ARG C 42 -7.67 25.09 17.25
CA ARG C 42 -8.77 24.20 16.88
C ARG C 42 -8.44 22.72 17.05
N ILE C 43 -7.31 22.29 16.50
CA ILE C 43 -6.89 20.89 16.62
C ILE C 43 -6.69 20.52 18.08
N ASP C 44 -6.12 21.44 18.84
CA ASP C 44 -5.92 21.25 20.27
C ASP C 44 -7.21 21.02 21.04
N TRP C 45 -8.17 21.92 20.82
CA TRP C 45 -9.45 21.89 21.48
C TRP C 45 -10.26 20.65 21.09
N LEU C 46 -10.20 20.27 19.82
CA LEU C 46 -10.85 19.03 19.38
C LEU C 46 -10.18 17.79 19.97
N ARG C 47 -8.85 17.81 20.08
CA ARG C 47 -8.11 16.75 20.75
C ARG C 47 -8.50 16.63 22.22
N GLU C 48 -8.75 17.76 22.86
CA GLU C 48 -9.17 17.78 24.25
C GLU C 48 -10.51 17.09 24.45
N LEU C 49 -11.32 17.09 23.40
CA LEU C 49 -12.65 16.50 23.48
C LEU C 49 -12.59 15.14 22.82
N ASP C 50 -11.37 14.64 22.73
CA ASP C 50 -11.07 13.31 22.20
C ASP C 50 -11.46 13.15 20.72
N ILE C 51 -11.38 14.24 19.96
CA ILE C 51 -11.57 14.14 18.52
C ILE C 51 -10.16 14.28 17.95
N LYS C 52 -9.75 13.30 17.15
CA LYS C 52 -8.35 13.18 16.77
C LYS C 52 -8.15 13.24 15.27
N MET C 53 -6.97 13.69 14.84
CA MET C 53 -6.64 13.75 13.42
C MET C 53 -6.21 12.38 12.88
N THR C 54 -5.94 11.45 13.78
CA THR C 54 -5.48 10.13 13.41
C THR C 54 -6.54 9.28 12.72
N GLY C 55 -7.78 9.37 13.20
CA GLY C 55 -8.83 8.46 12.77
C GLY C 55 -9.20 8.56 11.30
N GLN C 56 -9.93 7.56 10.81
CA GLN C 56 -10.35 7.51 9.41
C GLN C 56 -11.30 8.64 9.06
N THR C 57 -12.09 9.05 10.04
CA THR C 57 -13.03 10.14 9.84
C THR C 57 -12.56 11.36 10.63
N GLY C 58 -12.79 12.53 10.07
CA GLY C 58 -12.35 13.76 10.72
C GLY C 58 -12.87 15.00 10.04
N PRO C 59 -12.59 16.16 10.64
CA PRO C 59 -13.01 17.46 10.14
C PRO C 59 -12.20 17.91 8.94
N VAL C 60 -12.83 18.64 8.02
CA VAL C 60 -12.07 19.31 6.98
C VAL C 60 -12.59 20.74 6.92
N VAL C 61 -11.66 21.68 6.92
CA VAL C 61 -12.03 23.09 6.86
C VAL C 61 -12.40 23.43 5.44
N ILE C 62 -13.58 23.99 5.24
CA ILE C 62 -14.01 24.35 3.91
C ILE C 62 -13.85 25.85 3.73
N HIS C 63 -13.95 26.62 4.82
CA HIS C 63 -13.64 28.04 4.68
C HIS C 63 -12.88 28.56 5.88
N VAL C 64 -12.01 29.54 5.66
CA VAL C 64 -11.27 30.18 6.74
C VAL C 64 -10.88 31.61 6.37
N ALA C 65 -10.89 32.50 7.36
CA ALA C 65 -10.65 33.92 7.13
C ALA C 65 -10.01 34.57 8.35
N CYS C 66 -9.30 35.67 8.13
CA CYS C 66 -8.70 36.42 9.22
C CYS C 66 -8.74 37.92 9.00
N THR C 67 -9.00 38.65 10.08
CA THR C 67 -8.98 40.11 10.10
C THR C 67 -7.77 40.55 10.91
N PHE C 68 -6.92 41.37 10.30
CA PHE C 68 -5.69 41.80 10.96
C PHE C 68 -5.84 43.21 11.49
N LEU C 69 -5.87 43.34 12.82
CA LEU C 69 -6.16 44.60 13.47
C LEU C 69 -4.90 45.33 13.91
N LYS C 70 -3.98 44.60 14.51
CA LYS C 70 -2.69 45.17 14.89
C LYS C 70 -1.58 44.15 14.66
N PRO C 71 -0.48 44.58 14.04
CA PRO C 71 0.65 43.67 13.74
C PRO C 71 1.33 43.16 15.00
N ILE C 72 1.83 41.93 14.95
CA ILE C 72 2.51 41.32 16.08
C ILE C 72 4.03 41.23 15.84
N VAL C 73 4.81 41.69 16.82
CA VAL C 73 6.26 41.69 16.73
C VAL C 73 6.92 40.92 17.88
N TYR C 74 8.03 40.26 17.59
CA TYR C 74 8.81 39.58 18.61
C TYR C 74 9.49 40.60 19.52
N PRO C 75 9.44 40.37 20.84
CA PRO C 75 8.71 39.26 21.46
C PRO C 75 7.26 39.61 21.77
N ALA C 76 6.40 38.59 21.76
CA ALA C 76 5.00 38.80 22.09
C ALA C 76 4.38 37.54 22.65
N THR C 77 3.70 37.68 23.78
CA THR C 77 2.92 36.60 24.36
C THR C 77 1.46 36.82 24.00
N VAL C 78 0.89 35.89 23.25
CA VAL C 78 -0.44 36.08 22.70
C VAL C 78 -1.43 35.04 23.22
N THR C 79 -2.71 35.45 23.28
CA THR C 79 -3.78 34.58 23.71
C THR C 79 -4.82 34.38 22.62
N ILE C 80 -5.23 33.14 22.38
CA ILE C 80 -6.28 32.86 21.40
C ILE C 80 -7.55 32.43 22.12
N HIS C 81 -8.67 33.07 21.83
CA HIS C 81 -9.93 32.66 22.40
C HIS C 81 -10.79 32.04 21.32
N SER C 82 -11.13 30.77 21.51
CA SER C 82 -11.84 29.99 20.52
C SER C 82 -13.19 29.60 21.08
N LYS C 83 -14.20 29.83 20.23
CA LYS C 83 -15.58 29.51 20.53
C LYS C 83 -16.26 29.00 19.25
N VAL C 84 -17.27 28.15 19.39
CA VAL C 84 -18.05 27.81 18.22
C VAL C 84 -19.30 28.68 18.39
N ASN C 85 -19.65 29.46 17.36
CA ASN C 85 -20.77 30.38 17.55
C ASN C 85 -22.00 29.73 16.92
N SER C 86 -21.87 29.21 15.71
CA SER C 86 -23.00 28.64 15.00
C SER C 86 -22.88 27.16 14.65
N LEU C 87 -23.90 26.40 15.01
CA LEU C 87 -23.96 24.97 14.78
C LEU C 87 -24.84 24.64 13.59
N GLY C 88 -24.29 23.97 12.59
CA GLY C 88 -25.12 23.44 11.52
C GLY C 88 -25.47 22.02 11.86
N ASN C 89 -25.94 21.27 10.87
CA ASN C 89 -26.21 19.84 11.07
C ASN C 89 -24.94 19.02 10.87
N SER C 90 -24.21 19.33 9.80
CA SER C 90 -22.93 18.70 9.55
C SER C 90 -21.80 19.71 9.71
N SER C 91 -22.16 20.98 9.60
CA SER C 91 -21.21 22.08 9.60
C SER C 91 -21.17 22.84 10.91
N MET C 92 -20.11 23.63 11.08
CA MET C 92 -20.00 24.50 12.23
C MET C 92 -19.16 25.74 11.93
N ILE C 93 -19.40 26.82 12.67
CA ILE C 93 -18.56 28.00 12.52
C ILE C 93 -17.78 28.19 13.81
N MET C 94 -16.47 28.37 13.69
CA MET C 94 -15.62 28.58 14.85
C MET C 94 -14.82 29.87 14.74
N ASP C 95 -14.76 30.59 15.85
CA ASP C 95 -14.07 31.86 15.90
C ASP C 95 -12.85 31.71 16.78
N HIS C 96 -11.74 32.32 16.35
CA HIS C 96 -10.50 32.38 17.11
C HIS C 96 -10.09 33.83 17.16
N ASP C 97 -10.11 34.44 18.33
CA ASP C 97 -9.68 35.82 18.44
C ASP C 97 -8.30 35.90 19.10
N LEU C 98 -7.38 36.58 18.45
CA LEU C 98 -6.01 36.69 18.90
C LEU C 98 -5.77 38.05 19.53
N TYR C 99 -5.51 38.00 20.84
CA TYR C 99 -5.31 39.17 21.68
C TYR C 99 -3.86 39.20 22.15
N GLN C 100 -3.23 40.37 22.16
CA GLN C 100 -2.02 40.49 22.95
C GLN C 100 -2.40 41.32 24.16
N GLU C 101 -2.61 40.64 25.29
CA GLU C 101 -3.09 41.26 26.51
C GLU C 101 -4.37 42.06 26.25
N GLU C 102 -4.34 43.35 26.52
CA GLU C 102 -5.50 44.20 26.33
C GLU C 102 -5.88 44.45 24.87
N THR C 103 -4.90 44.41 23.97
CA THR C 103 -5.16 44.67 22.56
C THR C 103 -5.61 43.44 21.79
N LEU C 104 -6.65 43.60 20.97
CA LEU C 104 -7.11 42.54 20.09
C LEU C 104 -6.33 42.66 18.79
N MET C 105 -5.59 41.62 18.43
CA MET C 105 -4.66 41.71 17.31
C MET C 105 -5.24 41.17 16.02
N ALA C 106 -6.01 40.08 16.12
CA ALA C 106 -6.59 39.47 14.93
C ALA C 106 -7.89 38.73 15.23
N GLN C 107 -8.71 38.51 14.20
CA GLN C 107 -9.93 37.73 14.38
C GLN C 107 -10.11 36.72 13.25
N GLY C 108 -10.15 35.44 13.57
CA GLY C 108 -10.30 34.42 12.55
C GLY C 108 -11.64 33.72 12.62
N VAL C 109 -12.20 33.40 11.46
CA VAL C 109 -13.46 32.67 11.38
C VAL C 109 -13.33 31.52 10.39
N SER C 110 -13.64 30.31 10.84
CA SER C 110 -13.55 29.15 9.97
C SER C 110 -14.82 28.29 9.95
N LYS C 111 -15.30 27.97 8.75
CA LYS C 111 -16.38 27.02 8.58
C LYS C 111 -15.81 25.64 8.37
N ILE C 112 -16.20 24.73 9.27
CA ILE C 112 -15.68 23.38 9.33
C ILE C 112 -16.77 22.34 9.10
N VAL C 113 -16.47 21.34 8.27
CA VAL C 113 -17.37 20.20 8.04
C VAL C 113 -16.63 18.88 8.28
N TRP C 114 -17.34 17.89 8.80
CA TRP C 114 -16.74 16.56 9.00
C TRP C 114 -16.92 15.66 7.79
N ILE C 115 -15.84 15.04 7.34
CA ILE C 115 -15.92 14.13 6.20
C ILE C 115 -14.96 12.94 6.38
N ASP C 116 -15.22 11.84 5.69
CA ASP C 116 -14.35 10.67 5.70
C ASP C 116 -13.24 10.78 4.65
N TYR C 117 -11.99 10.78 5.09
CA TYR C 117 -10.85 10.99 4.20
C TYR C 117 -10.84 9.87 3.17
N THR C 118 -11.04 8.65 3.66
CA THR C 118 -11.08 7.46 2.82
C THR C 118 -12.27 7.45 1.87
N GLN C 119 -13.45 7.77 2.40
CA GLN C 119 -14.69 7.70 1.63
C GLN C 119 -15.07 9.01 0.94
N ASN C 120 -14.43 10.11 1.36
CA ASN C 120 -14.69 11.43 0.81
C ASN C 120 -16.18 11.80 0.98
N LYS C 121 -16.77 11.39 2.10
CA LYS C 121 -18.22 11.56 2.38
C LYS C 121 -18.71 12.18 3.71
N SER C 122 -19.84 12.88 3.62
CA SER C 122 -20.45 13.60 4.75
C SER C 122 -20.97 12.78 5.94
N VAL C 123 -20.76 13.30 7.16
CA VAL C 123 -21.35 12.72 8.37
C VAL C 123 -21.92 13.83 9.28
N PRO C 124 -22.98 13.52 10.05
CA PRO C 124 -23.59 14.47 10.98
C PRO C 124 -22.66 14.87 12.12
N LEU C 125 -23.01 15.92 12.85
CA LEU C 125 -22.17 16.42 13.94
C LEU C 125 -22.26 15.60 15.22
N PRO C 126 -21.11 15.43 15.90
CA PRO C 126 -21.18 14.80 17.22
C PRO C 126 -21.89 15.68 18.24
N ASP C 127 -22.54 15.04 19.21
CA ASP C 127 -23.35 15.70 20.22
C ASP C 127 -22.49 16.47 21.21
N ILE C 128 -21.26 15.98 21.39
CA ILE C 128 -20.31 16.58 22.32
C ILE C 128 -19.90 17.95 21.86
N ILE C 129 -19.96 18.15 20.55
CA ILE C 129 -19.68 19.45 19.94
C ILE C 129 -20.90 20.33 20.17
N ARG C 130 -22.08 19.72 20.09
CA ARG C 130 -23.33 20.42 20.38
C ARG C 130 -23.29 20.92 21.82
N ASN C 131 -22.53 20.24 22.67
CA ASN C 131 -22.36 20.62 24.07
C ASN C 131 -21.45 21.83 24.28
N LEU C 132 -20.85 22.34 23.21
CA LEU C 132 -19.94 23.48 23.35
C LEU C 132 -20.75 24.76 23.26
N VAL C 133 -22.07 24.58 23.33
CA VAL C 133 -23.04 25.66 23.36
C VAL C 133 -23.38 26.12 24.77
N HIS D 12 -2.57 38.51 -13.13
CA HIS D 12 -1.25 37.92 -13.02
C HIS D 12 -1.38 36.41 -12.95
N LYS D 13 -0.50 35.70 -13.66
CA LYS D 13 -0.58 34.26 -13.68
C LYS D 13 0.73 33.62 -13.24
N LYS D 14 0.70 33.00 -12.07
CA LYS D 14 1.89 32.34 -11.55
C LYS D 14 1.68 30.83 -11.47
N THR D 15 2.47 30.08 -12.22
CA THR D 15 2.39 28.64 -12.17
C THR D 15 3.58 28.06 -11.42
N PHE D 16 3.34 27.09 -10.54
CA PHE D 16 4.43 26.45 -9.82
C PHE D 16 4.03 25.05 -9.35
N ASP D 17 5.00 24.37 -8.75
CA ASP D 17 4.78 23.01 -8.27
C ASP D 17 4.82 22.90 -6.75
N ILE D 18 3.99 22.03 -6.23
CA ILE D 18 3.83 21.83 -4.80
C ILE D 18 5.02 21.08 -4.20
N ALA D 19 5.49 21.53 -3.05
CA ALA D 19 6.54 20.81 -2.31
C ALA D 19 5.92 19.69 -1.49
N TRP D 20 6.61 18.55 -1.41
CA TRP D 20 6.11 17.42 -0.63
C TRP D 20 5.94 17.78 0.83
N GLY D 21 6.83 18.63 1.32
CA GLY D 21 6.82 19.06 2.71
C GLY D 21 5.71 20.05 3.02
N ASP D 22 5.02 20.51 1.97
CA ASP D 22 3.90 21.43 2.15
C ASP D 22 2.71 20.65 2.68
N MET D 23 2.73 19.34 2.46
CA MET D 23 1.66 18.48 2.92
C MET D 23 1.75 18.29 4.42
N ASP D 24 0.59 18.15 5.06
CA ASP D 24 0.54 17.82 6.48
C ASP D 24 0.37 16.32 6.64
N ALA D 25 0.11 15.88 7.86
CA ALA D 25 0.06 14.45 8.17
C ALA D 25 -1.14 13.74 7.54
N LEU D 26 -2.01 14.49 6.87
CA LEU D 26 -3.17 13.90 6.23
C LEU D 26 -3.00 13.77 4.72
N GLY D 27 -1.80 14.07 4.24
CA GLY D 27 -1.45 13.81 2.85
C GLY D 27 -1.93 14.87 1.88
N HIS D 28 -2.18 16.07 2.40
CA HIS D 28 -2.53 17.20 1.55
C HIS D 28 -1.94 18.50 2.08
N VAL D 29 -1.82 19.49 1.20
CA VAL D 29 -1.26 20.79 1.55
C VAL D 29 -1.97 21.42 2.75
N ASN D 30 -1.18 21.83 3.74
CA ASN D 30 -1.73 22.45 4.94
C ASN D 30 -2.40 23.77 4.58
N ASN D 31 -3.43 24.15 5.34
CA ASN D 31 -4.26 25.30 4.96
C ASN D 31 -3.55 26.67 4.94
N ALA D 32 -2.60 26.88 5.86
CA ALA D 32 -1.88 28.15 5.91
C ALA D 32 -0.97 28.37 4.69
N ARG D 33 -0.45 27.27 4.15
CA ARG D 33 0.43 27.32 3.01
C ARG D 33 -0.25 27.90 1.77
N TYR D 34 -1.57 27.76 1.69
CA TYR D 34 -2.32 28.40 0.61
C TYR D 34 -2.16 29.91 0.69
N PHE D 35 -2.23 30.43 1.92
CA PHE D 35 -2.08 31.85 2.15
C PHE D 35 -0.66 32.28 1.82
N ASP D 36 0.29 31.38 2.10
CA ASP D 36 1.66 31.60 1.65
C ASP D 36 1.76 31.71 0.13
N TYR D 37 1.05 30.82 -0.58
CA TYR D 37 1.05 30.83 -2.04
C TYR D 37 0.49 32.15 -2.58
N PHE D 38 -0.67 32.54 -2.06
CA PHE D 38 -1.36 33.75 -2.52
C PHE D 38 -0.50 34.98 -2.31
N GLN D 39 0.03 35.06 -1.09
CA GLN D 39 0.97 36.11 -0.70
C GLN D 39 2.18 36.17 -1.65
N GLU D 40 2.75 35.03 -1.99
CA GLU D 40 3.90 35.04 -2.90
C GLU D 40 3.52 35.50 -4.31
N ALA D 41 2.33 35.10 -4.78
CA ALA D 41 1.87 35.53 -6.10
C ALA D 41 1.72 37.06 -6.12
N ARG D 42 1.10 37.59 -5.07
CA ARG D 42 0.91 39.02 -4.92
C ARG D 42 2.26 39.76 -4.95
N ILE D 43 3.19 39.28 -4.14
CA ILE D 43 4.51 39.90 -4.06
C ILE D 43 5.24 39.85 -5.41
N ASP D 44 5.11 38.73 -6.13
CA ASP D 44 5.72 38.62 -7.46
C ASP D 44 5.15 39.67 -8.43
N TRP D 45 3.83 39.81 -8.45
CA TRP D 45 3.17 40.79 -9.32
C TRP D 45 3.64 42.19 -8.97
N LEU D 46 3.79 42.45 -7.69
CA LEU D 46 4.31 43.73 -7.23
C LEU D 46 5.75 43.96 -7.68
N ARG D 47 6.53 42.89 -7.66
CA ARG D 47 7.92 42.95 -8.11
C ARG D 47 7.98 43.33 -9.58
N GLU D 48 7.03 42.78 -10.35
CA GLU D 48 6.93 43.14 -11.77
C GLU D 48 6.57 44.61 -12.00
N LEU D 49 5.87 45.21 -11.05
CA LEU D 49 5.42 46.59 -11.23
C LEU D 49 6.36 47.50 -10.47
N ASP D 50 7.52 46.95 -10.16
CA ASP D 50 8.62 47.66 -9.50
C ASP D 50 8.14 48.18 -8.15
N ILE D 51 7.24 47.46 -7.52
CA ILE D 51 6.77 47.80 -6.18
C ILE D 51 7.34 46.82 -5.16
N LYS D 52 8.04 47.35 -4.17
CA LYS D 52 8.77 46.54 -3.21
C LYS D 52 8.28 46.90 -1.80
N MET D 53 8.36 45.95 -0.89
CA MET D 53 7.96 46.19 0.50
C MET D 53 9.04 46.93 1.26
N THR D 54 10.18 47.13 0.62
CA THR D 54 11.32 47.77 1.26
C THR D 54 10.95 49.20 1.62
N GLY D 55 10.28 49.89 0.71
CA GLY D 55 10.03 51.30 0.87
C GLY D 55 9.14 51.62 2.07
N GLN D 56 9.10 52.89 2.43
CA GLN D 56 8.29 53.36 3.54
C GLN D 56 6.79 53.17 3.27
N THR D 57 6.41 53.25 2.00
CA THR D 57 5.00 53.10 1.65
C THR D 57 4.74 51.78 0.91
N GLY D 58 3.61 51.16 1.23
CA GLY D 58 3.25 49.90 0.62
C GLY D 58 1.86 49.43 1.03
N PRO D 59 1.41 48.33 0.44
CA PRO D 59 0.11 47.75 0.74
C PRO D 59 0.14 47.00 2.07
N VAL D 60 -0.97 46.98 2.79
CA VAL D 60 -1.06 46.12 3.96
C VAL D 60 -2.36 45.37 3.88
N VAL D 61 -2.29 44.05 4.06
CA VAL D 61 -3.49 43.22 4.01
C VAL D 61 -4.22 43.35 5.34
N ILE D 62 -5.49 43.73 5.27
CA ILE D 62 -6.31 43.88 6.47
C ILE D 62 -7.26 42.70 6.60
N HIS D 63 -7.63 42.10 5.48
CA HIS D 63 -8.46 40.91 5.55
C HIS D 63 -7.98 39.88 4.54
N VAL D 64 -8.14 38.60 4.87
CA VAL D 64 -7.83 37.54 3.93
C VAL D 64 -8.69 36.32 4.24
N ALA D 65 -9.09 35.61 3.20
CA ALA D 65 -10.02 34.49 3.34
C ALA D 65 -9.74 33.47 2.26
N CYS D 66 -10.10 32.22 2.55
CA CYS D 66 -9.94 31.17 1.55
C CYS D 66 -11.08 30.17 1.60
N THR D 67 -11.51 29.76 0.41
CA THR D 67 -12.50 28.72 0.24
C THR D 67 -11.82 27.51 -0.35
N PHE D 68 -11.95 26.36 0.31
CA PHE D 68 -11.29 25.14 -0.12
C PHE D 68 -12.28 24.23 -0.84
N LEU D 69 -12.08 24.06 -2.14
CA LEU D 69 -13.03 23.33 -2.98
C LEU D 69 -12.59 21.89 -3.25
N LYS D 70 -11.32 21.72 -3.61
CA LYS D 70 -10.74 20.40 -3.85
C LYS D 70 -9.33 20.32 -3.26
N PRO D 71 -9.04 19.21 -2.56
CA PRO D 71 -7.73 19.00 -1.92
C PRO D 71 -6.60 18.88 -2.93
N ILE D 72 -5.41 19.37 -2.56
CA ILE D 72 -4.25 19.29 -3.43
C ILE D 72 -3.27 18.25 -2.90
N VAL D 73 -2.84 17.33 -3.77
CA VAL D 73 -1.92 16.28 -3.34
C VAL D 73 -0.64 16.34 -4.17
N TYR D 74 0.49 16.05 -3.51
CA TYR D 74 1.77 15.98 -4.17
C TYR D 74 1.85 14.76 -5.09
N PRO D 75 2.37 14.93 -6.33
CA PRO D 75 2.79 16.21 -6.95
C PRO D 75 1.62 16.90 -7.64
N ALA D 76 1.69 18.22 -7.74
CA ALA D 76 0.65 18.97 -8.40
C ALA D 76 1.20 20.23 -9.02
N THR D 77 0.85 20.48 -10.28
CA THR D 77 1.24 21.72 -10.92
C THR D 77 0.05 22.65 -10.86
N VAL D 78 0.21 23.77 -10.17
CA VAL D 78 -0.90 24.66 -9.93
C VAL D 78 -0.67 26.01 -10.59
N THR D 79 -1.76 26.62 -11.01
CA THR D 79 -1.72 27.94 -11.59
C THR D 79 -2.58 28.85 -10.73
N ILE D 80 -2.02 29.99 -10.38
CA ILE D 80 -2.72 31.00 -9.61
C ILE D 80 -3.01 32.18 -10.51
N HIS D 81 -4.28 32.56 -10.58
CA HIS D 81 -4.64 33.72 -11.36
C HIS D 81 -5.06 34.80 -10.40
N SER D 82 -4.35 35.93 -10.44
CA SER D 82 -4.60 36.98 -9.48
C SER D 82 -5.03 38.23 -10.20
N LYS D 83 -6.12 38.83 -9.72
CA LYS D 83 -6.60 40.06 -10.33
C LYS D 83 -7.12 41.03 -9.29
N VAL D 84 -7.06 42.32 -9.62
CA VAL D 84 -7.67 43.33 -8.78
C VAL D 84 -9.15 43.26 -9.12
N ASN D 85 -9.97 43.14 -8.08
CA ASN D 85 -11.39 42.93 -8.25
C ASN D 85 -12.16 44.23 -8.06
N SER D 86 -12.01 44.80 -6.88
CA SER D 86 -12.76 45.98 -6.49
C SER D 86 -11.85 47.09 -5.95
N LEU D 87 -11.99 48.31 -6.46
CA LEU D 87 -11.18 49.42 -5.98
C LEU D 87 -11.98 50.35 -5.06
N GLY D 88 -11.50 50.51 -3.82
CA GLY D 88 -12.08 51.48 -2.92
C GLY D 88 -11.27 52.76 -3.08
N ASN D 89 -11.37 53.67 -2.12
CA ASN D 89 -10.55 54.88 -2.15
C ASN D 89 -9.16 54.64 -1.59
N SER D 90 -9.09 53.96 -0.46
CA SER D 90 -7.83 53.55 0.13
C SER D 90 -7.72 52.05 0.01
N SER D 91 -8.88 51.41 -0.20
CA SER D 91 -8.99 49.97 -0.16
C SER D 91 -9.02 49.37 -1.56
N MET D 92 -8.72 48.08 -1.61
CA MET D 92 -8.86 47.31 -2.84
C MET D 92 -9.11 45.87 -2.45
N ILE D 93 -9.75 45.14 -3.36
CA ILE D 93 -9.98 43.72 -3.13
C ILE D 93 -9.15 42.98 -4.15
N MET D 94 -8.44 41.95 -3.71
CA MET D 94 -7.64 41.16 -4.62
C MET D 94 -8.02 39.70 -4.58
N ASP D 95 -8.10 39.09 -5.75
CA ASP D 95 -8.49 37.70 -5.83
C ASP D 95 -7.35 36.84 -6.33
N HIS D 96 -7.23 35.66 -5.72
CA HIS D 96 -6.26 34.66 -6.14
C HIS D 96 -7.07 33.40 -6.34
N ASP D 97 -7.22 32.95 -7.58
CA ASP D 97 -7.89 31.67 -7.78
C ASP D 97 -6.85 30.63 -8.13
N LEU D 98 -6.84 29.54 -7.36
CA LEU D 98 -5.85 28.50 -7.54
C LEU D 98 -6.49 27.29 -8.19
N TYR D 99 -6.01 27.03 -9.40
CA TYR D 99 -6.48 25.97 -10.27
C TYR D 99 -5.40 24.90 -10.41
N GLN D 100 -5.82 23.64 -10.41
CA GLN D 100 -4.96 22.57 -10.90
C GLN D 100 -5.45 22.21 -12.27
N GLU D 101 -4.68 22.58 -13.29
CA GLU D 101 -5.12 22.44 -14.67
C GLU D 101 -6.45 23.18 -14.84
N GLU D 102 -7.48 22.48 -15.32
CA GLU D 102 -8.80 23.11 -15.48
C GLU D 102 -9.63 23.21 -14.19
N THR D 103 -9.32 22.39 -13.19
CA THR D 103 -10.09 22.38 -11.96
C THR D 103 -9.70 23.50 -10.98
N LEU D 104 -10.71 24.17 -10.42
CA LEU D 104 -10.48 25.21 -9.43
C LEU D 104 -10.35 24.56 -8.06
N MET D 105 -9.20 24.74 -7.42
CA MET D 105 -8.91 24.03 -6.18
C MET D 105 -9.22 24.89 -4.97
N ALA D 106 -8.91 26.17 -5.07
CA ALA D 106 -9.16 27.06 -3.94
C ALA D 106 -9.38 28.49 -4.38
N GLN D 107 -10.03 29.29 -3.54
CA GLN D 107 -10.22 30.70 -3.86
C GLN D 107 -9.87 31.59 -2.68
N GLY D 108 -8.90 32.47 -2.87
CA GLY D 108 -8.53 33.37 -1.80
C GLY D 108 -8.96 34.78 -2.17
N VAL D 109 -9.45 35.49 -1.16
CA VAL D 109 -9.86 36.88 -1.34
C VAL D 109 -9.25 37.70 -0.22
N SER D 110 -8.51 38.74 -0.60
CA SER D 110 -7.85 39.57 0.40
C SER D 110 -8.20 41.03 0.23
N LYS D 111 -8.62 41.66 1.31
CA LYS D 111 -8.86 43.09 1.34
C LYS D 111 -7.59 43.78 1.80
N ILE D 112 -7.07 44.62 0.90
CA ILE D 112 -5.80 45.30 1.11
C ILE D 112 -5.93 46.83 1.09
N VAL D 113 -5.26 47.49 2.02
CA VAL D 113 -5.20 48.95 2.02
C VAL D 113 -3.76 49.45 1.93
N TRP D 114 -3.60 50.75 1.81
CA TRP D 114 -2.29 51.38 1.70
C TRP D 114 -2.05 52.34 2.87
N ILE E 11 7.63 -46.02 -20.58
CA ILE E 11 7.70 -44.66 -21.12
C ILE E 11 6.29 -44.15 -21.41
N HIS E 12 6.10 -42.86 -21.23
CA HIS E 12 4.81 -42.21 -21.49
C HIS E 12 4.95 -40.77 -21.92
N LYS E 13 4.21 -40.40 -22.95
CA LYS E 13 4.30 -39.04 -23.43
C LYS E 13 2.89 -38.48 -23.57
N LYS E 14 2.57 -37.52 -22.71
CA LYS E 14 1.28 -36.87 -22.66
C LYS E 14 1.42 -35.42 -23.05
N THR E 15 0.79 -35.03 -24.16
CA THR E 15 0.87 -33.66 -24.59
C THR E 15 -0.44 -32.94 -24.32
N PHE E 16 -0.36 -31.72 -23.82
CA PHE E 16 -1.56 -30.92 -23.60
C PHE E 16 -1.21 -29.45 -23.61
N ASP E 17 -2.23 -28.62 -23.51
CA ASP E 17 -2.03 -27.19 -23.51
C ASP E 17 -2.36 -26.65 -22.13
N ILE E 18 -1.57 -25.69 -21.69
CA ILE E 18 -1.77 -25.10 -20.37
C ILE E 18 -2.98 -24.18 -20.41
N ALA E 19 -3.77 -24.23 -19.35
CA ALA E 19 -4.89 -23.31 -19.22
C ALA E 19 -4.35 -21.99 -18.74
N TRP E 20 -4.93 -20.89 -19.24
CA TRP E 20 -4.48 -19.56 -18.87
C TRP E 20 -4.56 -19.35 -17.36
N GLY E 21 -5.53 -20.01 -16.74
CA GLY E 21 -5.73 -19.90 -15.31
C GLY E 21 -4.68 -20.63 -14.49
N ASP E 22 -3.80 -21.37 -15.15
CA ASP E 22 -2.71 -22.06 -14.46
C ASP E 22 -1.62 -21.09 -14.02
N MET E 23 -1.54 -19.95 -14.69
CA MET E 23 -0.55 -18.94 -14.34
C MET E 23 -0.92 -18.22 -13.05
N ASP E 24 0.11 -17.84 -12.30
CA ASP E 24 -0.10 -17.04 -11.10
C ASP E 24 0.05 -15.57 -11.43
N ALA E 25 0.05 -14.72 -10.40
CA ALA E 25 0.01 -13.27 -10.60
C ALA E 25 1.30 -12.72 -11.19
N LEU E 26 2.29 -13.58 -11.41
CA LEU E 26 3.55 -13.15 -12.00
C LEU E 26 3.65 -13.53 -13.47
N GLY E 27 2.58 -14.05 -14.03
CA GLY E 27 2.54 -14.28 -15.46
C GLY E 27 3.23 -15.57 -15.84
N HIS E 28 3.29 -16.51 -14.90
CA HIS E 28 3.83 -17.83 -15.20
C HIS E 28 3.03 -18.90 -14.49
N VAL E 29 3.07 -20.13 -15.02
CA VAL E 29 2.34 -21.25 -14.44
C VAL E 29 2.73 -21.42 -12.97
N ASN E 30 1.73 -21.51 -12.10
CA ASN E 30 1.99 -21.66 -10.68
C ASN E 30 2.72 -22.97 -10.40
N ASN E 31 3.61 -22.96 -9.41
CA ASN E 31 4.49 -24.11 -9.16
C ASN E 31 3.76 -25.36 -8.69
N ALA E 32 2.71 -25.20 -7.90
CA ALA E 32 1.92 -26.35 -7.45
C ALA E 32 1.21 -27.01 -8.62
N ARG E 33 0.91 -26.20 -9.63
CA ARG E 33 0.18 -26.66 -10.79
C ARG E 33 1.00 -27.73 -11.51
N TYR E 34 2.33 -27.63 -11.38
CA TYR E 34 3.23 -28.61 -11.98
C TYR E 34 2.97 -29.98 -11.36
N PHE E 35 2.80 -29.99 -10.04
CA PHE E 35 2.49 -31.23 -9.32
C PHE E 35 1.10 -31.72 -9.69
N ASP E 36 0.21 -30.78 -9.98
CA ASP E 36 -1.08 -31.18 -10.54
C ASP E 36 -0.88 -31.93 -11.86
N TYR E 37 -0.02 -31.40 -12.71
CA TYR E 37 0.28 -32.01 -14.00
C TYR E 37 0.86 -33.41 -13.87
N PHE E 38 1.90 -33.53 -13.03
CA PHE E 38 2.59 -34.80 -12.82
C PHE E 38 1.62 -35.82 -12.25
N GLN E 39 0.80 -35.36 -11.32
CA GLN E 39 -0.26 -36.17 -10.75
C GLN E 39 -1.16 -36.73 -11.85
N GLU E 40 -1.55 -35.85 -12.78
CA GLU E 40 -2.45 -36.25 -13.84
C GLU E 40 -1.79 -37.27 -14.76
N ALA E 41 -0.51 -37.06 -15.05
CA ALA E 41 0.24 -37.98 -15.90
C ALA E 41 0.36 -39.36 -15.27
N ARG E 42 0.74 -39.40 -13.99
CA ARG E 42 0.86 -40.66 -13.26
C ARG E 42 -0.47 -41.43 -13.20
N ILE E 43 -1.53 -40.74 -12.77
CA ILE E 43 -2.85 -41.37 -12.65
C ILE E 43 -3.36 -41.86 -14.00
N ASP E 44 -3.17 -41.06 -15.03
CA ASP E 44 -3.57 -41.41 -16.39
C ASP E 44 -2.85 -42.67 -16.86
N TRP E 45 -1.53 -42.67 -16.69
CA TRP E 45 -0.72 -43.77 -17.17
C TRP E 45 -1.03 -45.07 -16.42
N LEU E 46 -1.23 -44.97 -15.11
CA LEU E 46 -1.63 -46.13 -14.32
C LEU E 46 -3.01 -46.65 -14.69
N ARG E 47 -3.92 -45.72 -14.99
CA ARG E 47 -5.26 -46.07 -15.45
C ARG E 47 -5.22 -46.84 -16.76
N GLU E 48 -4.26 -46.51 -17.63
CA GLU E 48 -4.11 -47.24 -18.87
C GLU E 48 -3.82 -48.73 -18.63
N LEU E 49 -3.27 -49.03 -17.45
CA LEU E 49 -2.87 -50.39 -17.11
C LEU E 49 -3.88 -51.06 -16.18
N ASP E 50 -5.11 -50.53 -16.23
CA ASP E 50 -6.26 -50.99 -15.44
C ASP E 50 -6.06 -50.84 -13.92
N ILE E 51 -5.31 -49.83 -13.51
CA ILE E 51 -5.24 -49.55 -12.08
C ILE E 51 -6.04 -48.27 -11.89
N LYS E 52 -7.01 -48.32 -10.99
CA LYS E 52 -7.99 -47.23 -10.91
C LYS E 52 -7.85 -46.58 -9.55
N MET E 53 -8.19 -45.29 -9.45
CA MET E 53 -8.10 -44.61 -8.16
C MET E 53 -9.29 -44.95 -7.28
N THR E 54 -10.33 -45.49 -7.90
CA THR E 54 -11.55 -45.85 -7.18
C THR E 54 -11.33 -47.03 -6.24
N GLY E 55 -10.52 -48.00 -6.68
CA GLY E 55 -10.42 -49.28 -5.98
C GLY E 55 -9.88 -49.18 -4.57
N GLN E 56 -10.03 -50.27 -3.83
CA GLN E 56 -9.63 -50.34 -2.43
C GLN E 56 -8.11 -50.26 -2.23
N THR E 57 -7.34 -50.75 -3.21
CA THR E 57 -5.89 -50.69 -3.11
C THR E 57 -5.34 -49.69 -4.11
N GLY E 58 -4.27 -48.99 -3.73
CA GLY E 58 -3.68 -48.00 -4.62
C GLY E 58 -2.39 -47.38 -4.15
N PRO E 59 -1.78 -46.56 -5.01
CA PRO E 59 -0.53 -45.85 -4.70
C PRO E 59 -0.71 -44.64 -3.81
N VAL E 60 0.28 -44.38 -2.97
CA VAL E 60 0.33 -43.14 -2.23
C VAL E 60 1.74 -42.58 -2.33
N VAL E 61 1.84 -41.30 -2.64
CA VAL E 61 3.13 -40.65 -2.75
C VAL E 61 3.68 -40.38 -1.37
N ILE E 62 4.89 -40.86 -1.11
CA ILE E 62 5.52 -40.66 0.19
C ILE E 62 6.52 -39.52 0.04
N HIS E 63 7.10 -39.37 -1.15
CA HIS E 63 7.94 -38.18 -1.35
C HIS E 63 7.73 -37.63 -2.75
N VAL E 64 7.84 -36.30 -2.90
CA VAL E 64 7.75 -35.69 -4.22
C VAL E 64 8.56 -34.40 -4.28
N ALA E 65 9.15 -34.15 -5.44
CA ALA E 65 10.05 -33.00 -5.64
C ALA E 65 10.00 -32.52 -7.08
N CYS E 66 10.32 -31.25 -7.29
CA CYS E 66 10.38 -30.71 -8.64
C CYS E 66 11.50 -29.67 -8.80
N THR E 67 12.16 -29.73 -9.95
CA THR E 67 13.19 -28.77 -10.33
C THR E 67 12.67 -27.91 -11.45
N PHE E 68 12.67 -26.59 -11.25
CA PHE E 68 12.13 -25.65 -12.24
C PHE E 68 13.25 -24.96 -13.01
N LEU E 69 13.33 -25.26 -14.30
CA LEU E 69 14.42 -24.80 -15.15
C LEU E 69 14.02 -23.56 -15.97
N LYS E 70 12.82 -23.59 -16.56
CA LYS E 70 12.31 -22.44 -17.30
C LYS E 70 10.82 -22.22 -17.06
N PRO E 71 10.43 -20.97 -16.78
CA PRO E 71 9.04 -20.62 -16.53
C PRO E 71 8.14 -20.78 -17.76
N ILE E 72 6.89 -21.20 -17.54
CA ILE E 72 5.93 -21.41 -18.63
C ILE E 72 4.81 -20.36 -18.63
N VAL E 73 4.53 -19.79 -19.80
CA VAL E 73 3.51 -18.75 -19.93
C VAL E 73 2.39 -19.10 -20.92
N TYR E 74 1.16 -18.69 -20.62
CA TYR E 74 0.07 -18.86 -21.58
C TYR E 74 0.26 -17.88 -22.74
N PRO E 75 0.10 -18.36 -23.98
CA PRO E 75 -0.19 -19.76 -24.28
C PRO E 75 1.07 -20.59 -24.45
N ALA E 76 0.97 -21.88 -24.14
CA ALA E 76 2.08 -22.81 -24.27
C ALA E 76 1.59 -24.23 -24.48
N THR E 77 2.16 -24.92 -25.45
CA THR E 77 1.87 -26.34 -25.63
C THR E 77 2.98 -27.14 -24.97
N VAL E 78 2.63 -27.90 -23.94
CA VAL E 78 3.64 -28.59 -23.16
C VAL E 78 3.45 -30.10 -23.24
N THR E 79 4.58 -30.81 -23.16
CA THR E 79 4.57 -32.25 -23.16
C THR E 79 5.23 -32.79 -21.89
N ILE E 80 4.57 -33.78 -21.29
CA ILE E 80 5.05 -34.46 -20.09
C ILE E 80 5.52 -35.86 -20.43
N HIS E 81 6.74 -36.17 -20.02
CA HIS E 81 7.31 -37.49 -20.23
C HIS E 81 7.43 -38.21 -18.90
N SER E 82 6.73 -39.33 -18.74
CA SER E 82 6.70 -40.01 -17.46
C SER E 82 7.30 -41.39 -17.61
N LYS E 83 8.22 -41.72 -16.72
CA LYS E 83 8.87 -43.02 -16.73
C LYS E 83 9.14 -43.52 -15.32
N VAL E 84 9.21 -44.84 -15.15
CA VAL E 84 9.59 -45.39 -13.87
C VAL E 84 11.09 -45.70 -13.96
N ASN E 85 11.87 -45.20 -13.01
CA ASN E 85 13.32 -45.38 -13.13
C ASN E 85 13.85 -46.52 -12.28
N SER E 86 13.59 -46.47 -10.99
CA SER E 86 14.12 -47.48 -10.07
C SER E 86 12.99 -48.16 -9.33
N LEU E 87 12.96 -49.49 -9.40
CA LEU E 87 11.90 -50.21 -8.74
C LEU E 87 12.47 -50.75 -7.44
N GLY E 88 11.89 -50.33 -6.33
CA GLY E 88 12.27 -50.89 -5.05
C GLY E 88 11.34 -52.04 -4.78
N ASN E 89 11.27 -52.50 -3.55
CA ASN E 89 10.31 -53.55 -3.23
C ASN E 89 8.88 -53.14 -2.92
N SER E 90 8.73 -52.15 -2.05
CA SER E 90 7.43 -51.61 -1.73
C SER E 90 7.43 -50.23 -2.33
N SER E 91 8.63 -49.77 -2.61
CA SER E 91 8.84 -48.41 -3.08
C SER E 91 9.04 -48.43 -4.58
N MET E 92 8.80 -47.30 -5.21
CA MET E 92 9.14 -47.14 -6.62
C MET E 92 9.40 -45.66 -6.86
N ILE E 93 10.29 -45.33 -7.79
CA ILE E 93 10.52 -43.94 -8.13
C ILE E 93 10.14 -43.62 -9.57
N MET E 94 9.41 -42.53 -9.75
CA MET E 94 8.94 -42.11 -11.06
C MET E 94 9.36 -40.68 -11.41
N ASP E 95 9.75 -40.49 -12.67
CA ASP E 95 10.22 -39.21 -13.17
C ASP E 95 9.25 -38.62 -14.20
N HIS E 96 9.07 -37.30 -14.14
CA HIS E 96 8.25 -36.57 -15.09
C HIS E 96 9.02 -35.37 -15.66
N ASP E 97 9.28 -35.37 -16.96
CA ASP E 97 9.94 -34.23 -17.61
C ASP E 97 8.97 -33.35 -18.38
N LEU E 98 8.99 -32.06 -18.08
CA LEU E 98 8.09 -31.11 -18.69
C LEU E 98 8.82 -30.25 -19.71
N TYR E 99 8.42 -30.42 -20.97
CA TYR E 99 9.01 -29.71 -22.09
C TYR E 99 8.02 -28.74 -22.68
N GLN E 100 8.49 -27.54 -23.00
CA GLN E 100 7.76 -26.67 -23.89
C GLN E 100 8.50 -26.76 -25.20
N GLU E 101 7.86 -27.35 -26.20
CA GLU E 101 8.48 -27.58 -27.50
C GLU E 101 9.78 -28.35 -27.30
N GLU E 102 10.86 -27.79 -27.84
CA GLU E 102 12.20 -28.33 -27.69
C GLU E 102 12.84 -28.05 -26.32
N THR E 103 12.37 -27.00 -25.66
CA THR E 103 12.94 -26.56 -24.39
C THR E 103 12.43 -27.36 -23.17
N LEU E 104 13.35 -27.74 -22.27
CA LEU E 104 12.98 -28.44 -21.04
C LEU E 104 12.62 -27.47 -19.92
N MET E 105 11.39 -27.57 -19.42
CA MET E 105 10.88 -26.59 -18.47
C MET E 105 10.98 -27.08 -17.03
N ALA E 106 10.73 -28.36 -16.78
CA ALA E 106 10.77 -28.87 -15.40
C ALA E 106 11.09 -30.35 -15.27
N GLN E 107 11.55 -30.77 -14.09
CA GLN E 107 11.80 -32.18 -13.80
C GLN E 107 11.27 -32.60 -12.43
N GLY E 108 10.33 -33.54 -12.41
CA GLY E 108 9.75 -33.99 -11.17
C GLY E 108 10.13 -35.42 -10.82
N VAL E 109 10.33 -35.66 -9.52
CA VAL E 109 10.68 -36.99 -9.02
C VAL E 109 9.77 -37.35 -7.86
N SER E 110 9.09 -38.49 -7.96
CA SER E 110 8.19 -38.92 -6.91
C SER E 110 8.47 -40.36 -6.45
N LYS E 111 8.64 -40.52 -5.14
CA LYS E 111 8.74 -41.84 -4.53
C LYS E 111 7.36 -42.25 -4.05
N ILE E 112 6.89 -43.37 -4.60
CA ILE E 112 5.54 -43.89 -4.40
C ILE E 112 5.51 -45.28 -3.74
N VAL E 113 4.58 -45.46 -2.81
CA VAL E 113 4.33 -46.74 -2.15
C VAL E 113 2.85 -47.14 -2.30
N TRP E 114 2.58 -48.44 -2.46
CA TRP E 114 1.21 -48.95 -2.55
C TRP E 114 0.60 -49.37 -1.21
N ILE E 115 -0.66 -48.99 -0.96
CA ILE E 115 -1.33 -49.33 0.29
C ILE E 115 -2.79 -49.76 0.11
N ASP E 116 -3.31 -50.44 1.13
CA ASP E 116 -4.75 -50.66 1.24
C ASP E 116 -5.25 -49.43 2.00
N TYR E 117 -6.07 -48.61 1.35
CA TYR E 117 -6.46 -47.31 1.91
C TYR E 117 -7.21 -47.41 3.22
N THR E 118 -8.14 -48.35 3.26
CA THR E 118 -8.99 -48.56 4.42
C THR E 118 -8.12 -48.92 5.61
N GLN E 119 -7.14 -49.77 5.36
CA GLN E 119 -6.26 -50.27 6.40
C GLN E 119 -5.03 -49.41 6.64
N ASN E 120 -4.70 -48.56 5.67
CA ASN E 120 -3.51 -47.73 5.73
C ASN E 120 -2.26 -48.56 5.97
N LYS E 121 -2.20 -49.74 5.35
CA LYS E 121 -1.06 -50.64 5.55
C LYS E 121 -0.43 -51.05 4.22
N SER E 122 0.90 -51.19 4.27
CA SER E 122 1.72 -51.49 3.10
C SER E 122 1.44 -52.83 2.45
N VAL E 123 1.49 -52.84 1.13
CA VAL E 123 1.41 -54.07 0.33
C VAL E 123 2.48 -53.99 -0.75
N PRO E 124 3.00 -55.16 -1.18
CA PRO E 124 4.03 -55.18 -2.23
C PRO E 124 3.49 -54.65 -3.56
N LEU E 125 4.39 -54.35 -4.49
CA LEU E 125 4.00 -53.78 -5.77
C LEU E 125 3.41 -54.81 -6.72
N PRO E 126 2.40 -54.41 -7.49
CA PRO E 126 1.81 -55.29 -8.50
C PRO E 126 2.81 -55.64 -9.59
N ASP E 127 2.64 -56.81 -10.21
CA ASP E 127 3.59 -57.33 -11.17
C ASP E 127 3.60 -56.53 -12.46
N ILE E 128 2.46 -55.93 -12.79
CA ILE E 128 2.33 -55.15 -14.02
C ILE E 128 3.19 -53.90 -13.93
N ILE E 129 3.37 -53.40 -12.71
CA ILE E 129 4.27 -52.29 -12.47
C ILE E 129 5.69 -52.81 -12.37
N ARG E 130 5.85 -53.96 -11.73
CA ARG E 130 7.14 -54.62 -11.64
C ARG E 130 7.65 -54.95 -13.04
N ASN E 131 6.71 -55.14 -13.97
CA ASN E 131 7.06 -55.41 -15.35
C ASN E 131 7.60 -54.16 -16.04
N LEU E 132 7.52 -53.02 -15.34
CA LEU E 132 8.00 -51.75 -15.89
C LEU E 132 9.46 -51.51 -15.49
N HIS F 12 8.75 -18.45 11.40
CA HIS F 12 7.50 -17.86 10.94
C HIS F 12 6.34 -18.82 11.15
N LYS F 13 5.21 -18.28 11.60
CA LYS F 13 4.01 -19.07 11.87
C LYS F 13 2.78 -18.59 11.13
N LYS F 14 2.30 -19.45 10.24
CA LYS F 14 1.10 -19.18 9.48
C LYS F 14 -0.01 -20.14 9.89
N THR F 15 -1.08 -19.63 10.47
CA THR F 15 -2.20 -20.49 10.85
C THR F 15 -3.39 -20.29 9.93
N PHE F 16 -4.00 -21.39 9.52
CA PHE F 16 -5.18 -21.33 8.67
C PHE F 16 -6.00 -22.61 8.77
N ASP F 17 -7.14 -22.63 8.10
CA ASP F 17 -8.02 -23.79 8.17
C ASP F 17 -8.06 -24.52 6.83
N ILE F 18 -8.14 -25.84 6.88
CA ILE F 18 -8.13 -26.65 5.68
C ILE F 18 -9.46 -26.53 4.96
N ALA F 19 -9.41 -26.37 3.63
CA ALA F 19 -10.62 -26.33 2.82
C ALA F 19 -11.09 -27.74 2.48
N TRP F 20 -12.40 -27.95 2.53
CA TRP F 20 -12.97 -29.25 2.19
C TRP F 20 -12.66 -29.59 0.75
N GLY F 21 -12.64 -28.56 -0.09
CA GLY F 21 -12.37 -28.72 -1.51
C GLY F 21 -10.91 -28.96 -1.82
N ASP F 22 -10.06 -28.84 -0.80
CA ASP F 22 -8.63 -29.12 -0.96
C ASP F 22 -8.41 -30.63 -1.04
N MET F 23 -9.38 -31.37 -0.50
CA MET F 23 -9.32 -32.82 -0.51
C MET F 23 -9.62 -33.32 -1.91
N ASP F 24 -8.99 -34.42 -2.30
CA ASP F 24 -9.33 -35.05 -3.57
C ASP F 24 -10.34 -36.18 -3.35
N ALA F 25 -10.58 -36.95 -4.40
CA ALA F 25 -11.65 -37.96 -4.40
C ALA F 25 -11.42 -39.13 -3.45
N LEU F 26 -10.28 -39.17 -2.78
CA LEU F 26 -10.00 -40.25 -1.83
C LEU F 26 -10.18 -39.80 -0.39
N GLY F 27 -10.68 -38.58 -0.21
CA GLY F 27 -11.07 -38.11 1.10
C GLY F 27 -9.95 -37.55 1.96
N HIS F 28 -8.87 -37.10 1.32
CA HIS F 28 -7.78 -36.43 2.02
C HIS F 28 -7.21 -35.31 1.17
N VAL F 29 -6.56 -34.35 1.82
CA VAL F 29 -5.98 -33.20 1.13
C VAL F 29 -5.01 -33.61 0.03
N ASN F 30 -5.21 -33.09 -1.17
CA ASN F 30 -4.34 -33.36 -2.31
C ASN F 30 -2.92 -32.80 -2.11
N ASN F 31 -1.92 -33.49 -2.66
CA ASN F 31 -0.52 -33.18 -2.41
C ASN F 31 0.00 -31.85 -2.96
N ALA F 32 -0.51 -31.41 -4.11
CA ALA F 32 -0.07 -30.14 -4.69
C ALA F 32 -0.45 -28.96 -3.79
N ARG F 33 -1.56 -29.12 -3.08
CA ARG F 33 -2.04 -28.07 -2.19
C ARG F 33 -1.04 -27.82 -1.08
N TYR F 34 -0.24 -28.82 -0.72
CA TYR F 34 0.82 -28.61 0.26
C TYR F 34 1.81 -27.59 -0.24
N PHE F 35 2.16 -27.69 -1.51
CA PHE F 35 3.07 -26.73 -2.11
C PHE F 35 2.42 -25.37 -2.20
N ASP F 36 1.11 -25.34 -2.39
CA ASP F 36 0.40 -24.06 -2.27
C ASP F 36 0.55 -23.47 -0.86
N TYR F 37 0.44 -24.32 0.16
CA TYR F 37 0.56 -23.90 1.55
C TYR F 37 1.95 -23.32 1.85
N PHE F 38 2.97 -24.07 1.48
CA PHE F 38 4.35 -23.68 1.73
C PHE F 38 4.67 -22.38 1.03
N GLN F 39 4.25 -22.33 -0.23
CA GLN F 39 4.43 -21.16 -1.07
C GLN F 39 3.80 -19.93 -0.40
N GLU F 40 2.58 -20.09 0.12
CA GLU F 40 1.91 -18.97 0.81
C GLU F 40 2.58 -18.56 2.11
N ALA F 41 3.12 -19.52 2.85
CA ALA F 41 3.85 -19.18 4.07
C ALA F 41 5.05 -18.31 3.71
N ARG F 42 5.76 -18.75 2.66
CA ARG F 42 6.92 -18.03 2.16
C ARG F 42 6.53 -16.61 1.77
N ILE F 43 5.48 -16.50 0.97
CA ILE F 43 5.02 -15.21 0.46
C ILE F 43 4.61 -14.26 1.59
N ASP F 44 3.92 -14.80 2.60
CA ASP F 44 3.53 -13.98 3.75
C ASP F 44 4.73 -13.43 4.51
N TRP F 45 5.68 -14.31 4.83
CA TRP F 45 6.87 -13.87 5.56
C TRP F 45 7.70 -12.88 4.72
N LEU F 46 7.78 -13.09 3.42
CA LEU F 46 8.47 -12.14 2.55
C LEU F 46 7.75 -10.79 2.46
N ARG F 47 6.42 -10.81 2.43
CA ARG F 47 5.63 -9.58 2.43
C ARG F 47 5.87 -8.80 3.71
N GLU F 48 6.01 -9.52 4.82
CA GLU F 48 6.35 -8.87 6.09
C GLU F 48 7.72 -8.21 6.03
N LEU F 49 8.57 -8.72 5.13
CA LEU F 49 9.94 -8.26 4.98
C LEU F 49 10.20 -7.35 3.78
N ASP F 50 9.17 -6.67 3.30
CA ASP F 50 9.28 -5.77 2.15
C ASP F 50 9.71 -6.53 0.91
N ILE F 51 9.36 -7.79 0.82
CA ILE F 51 9.72 -8.49 -0.38
C ILE F 51 8.52 -8.76 -1.26
N LYS F 52 8.63 -8.22 -2.46
CA LYS F 52 7.57 -8.24 -3.42
C LYS F 52 8.19 -8.92 -4.60
N MET F 53 7.40 -9.59 -5.40
CA MET F 53 7.91 -10.23 -6.59
C MET F 53 8.06 -9.21 -7.73
N THR F 54 7.57 -7.99 -7.49
CA THR F 54 7.56 -6.94 -8.52
C THR F 54 8.94 -6.44 -8.97
N GLY F 55 9.89 -6.27 -8.04
CA GLY F 55 11.15 -5.63 -8.39
C GLY F 55 12.00 -6.40 -9.39
N GLN F 56 13.02 -5.77 -9.95
CA GLN F 56 13.91 -6.42 -10.92
C GLN F 56 14.77 -7.52 -10.31
N THR F 57 15.13 -7.39 -9.03
CA THR F 57 15.90 -8.44 -8.39
C THR F 57 15.00 -9.08 -7.34
N GLY F 58 15.09 -10.40 -7.19
CA GLY F 58 14.26 -11.10 -6.24
C GLY F 58 14.55 -12.58 -6.17
N PRO F 59 13.86 -13.28 -5.27
CA PRO F 59 13.99 -14.72 -5.11
C PRO F 59 13.27 -15.50 -6.22
N VAL F 60 13.83 -16.64 -6.61
CA VAL F 60 13.15 -17.55 -7.51
C VAL F 60 13.27 -18.96 -6.97
N VAL F 61 12.16 -19.70 -6.94
CA VAL F 61 12.22 -21.07 -6.49
C VAL F 61 12.78 -21.93 -7.59
N ILE F 62 13.86 -22.64 -7.29
CA ILE F 62 14.48 -23.54 -8.25
C ILE F 62 14.19 -24.98 -7.87
N HIS F 63 14.05 -25.24 -6.58
CA HIS F 63 13.70 -26.58 -6.16
C HIS F 63 12.70 -26.58 -5.01
N VAL F 64 11.86 -27.62 -4.97
CA VAL F 64 10.92 -27.82 -3.88
C VAL F 64 10.70 -29.30 -3.70
N ALA F 65 10.51 -29.72 -2.46
CA ALA F 65 10.36 -31.12 -2.13
C ALA F 65 9.46 -31.24 -0.92
N CYS F 66 8.76 -32.36 -0.80
CA CYS F 66 7.88 -32.58 0.34
C CYS F 66 7.88 -34.03 0.81
N THR F 67 7.86 -34.18 2.13
CA THR F 67 7.76 -35.48 2.78
C THR F 67 6.41 -35.59 3.43
N PHE F 68 5.66 -36.62 3.05
CA PHE F 68 4.31 -36.82 3.55
C PHE F 68 4.31 -37.91 4.62
N LEU F 69 4.07 -37.53 5.85
CA LEU F 69 4.16 -38.46 6.96
C LEU F 69 2.79 -38.96 7.40
N LYS F 70 1.83 -38.05 7.53
CA LYS F 70 0.47 -38.42 7.90
C LYS F 70 -0.59 -37.61 7.14
N PRO F 71 -1.64 -38.29 6.64
CA PRO F 71 -2.73 -37.68 5.88
C PRO F 71 -3.60 -36.72 6.70
N ILE F 72 -4.08 -35.66 6.04
CA ILE F 72 -4.94 -34.64 6.66
C ILE F 72 -6.38 -34.78 6.19
N VAL F 73 -7.33 -34.73 7.11
CA VAL F 73 -8.75 -34.88 6.76
C VAL F 73 -9.56 -33.66 7.19
N TYR F 74 -10.53 -33.26 6.36
CA TYR F 74 -11.45 -32.18 6.68
C TYR F 74 -12.46 -32.63 7.75
N PRO F 75 -12.74 -31.76 8.74
CA PRO F 75 -12.14 -30.43 8.88
C PRO F 75 -10.83 -30.44 9.64
N ALA F 76 -9.96 -29.49 9.35
CA ALA F 76 -8.68 -29.43 10.03
C ALA F 76 -8.18 -28.00 10.14
N THR F 77 -7.79 -27.62 11.36
CA THR F 77 -7.14 -26.34 11.59
C THR F 77 -5.63 -26.59 11.68
N VAL F 78 -4.89 -26.00 10.76
CA VAL F 78 -3.47 -26.29 10.63
C VAL F 78 -2.58 -25.07 10.87
N THR F 79 -1.39 -25.35 11.40
CA THR F 79 -0.37 -24.33 11.60
C THR F 79 0.89 -24.74 10.84
N ILE F 80 1.47 -23.80 10.11
CA ILE F 80 2.71 -24.03 9.42
C ILE F 80 3.79 -23.26 10.14
N HIS F 81 4.86 -23.96 10.50
CA HIS F 81 6.00 -23.32 11.13
C HIS F 81 7.14 -23.33 10.12
N SER F 82 7.59 -22.14 9.76
CA SER F 82 8.55 -21.99 8.68
C SER F 82 9.85 -21.42 9.21
N LYS F 83 10.97 -21.98 8.78
CA LYS F 83 12.25 -21.47 9.23
C LYS F 83 13.20 -21.39 8.05
N VAL F 84 14.18 -20.51 8.17
CA VAL F 84 15.20 -20.43 7.16
C VAL F 84 16.26 -21.38 7.69
N ASN F 85 16.69 -22.29 6.83
CA ASN F 85 17.57 -23.35 7.26
C ASN F 85 19.00 -22.97 7.02
N SER F 86 19.29 -22.67 5.76
CA SER F 86 20.65 -22.42 5.33
C SER F 86 20.75 -21.22 4.40
N LEU F 87 21.71 -20.35 4.66
CA LEU F 87 21.91 -19.17 3.81
C LEU F 87 23.07 -19.44 2.87
N GLY F 88 22.79 -19.39 1.56
CA GLY F 88 23.85 -19.49 0.57
C GLY F 88 24.34 -18.13 0.13
N ASN F 89 25.04 -18.10 -1.00
CA ASN F 89 25.45 -16.82 -1.56
C ASN F 89 24.33 -16.22 -2.38
N SER F 90 23.73 -17.03 -3.24
CA SER F 90 22.58 -16.60 -4.01
C SER F 90 21.35 -17.37 -3.57
N SER F 91 21.61 -18.50 -2.94
CA SER F 91 20.58 -19.46 -2.58
C SER F 91 20.20 -19.41 -1.12
N MET F 92 19.04 -19.96 -0.83
CA MET F 92 18.60 -20.15 0.54
C MET F 92 17.73 -21.38 0.56
N ILE F 93 17.70 -22.04 1.70
CA ILE F 93 16.85 -23.19 1.89
C ILE F 93 15.82 -22.87 2.95
N MET F 94 14.56 -23.20 2.68
CA MET F 94 13.50 -22.94 3.64
C MET F 94 12.75 -24.20 4.01
N ASP F 95 12.46 -24.31 5.30
CA ASP F 95 11.80 -25.49 5.84
C ASP F 95 10.41 -25.13 6.31
N HIS F 96 9.47 -26.05 6.07
CA HIS F 96 8.10 -25.89 6.52
C HIS F 96 7.67 -27.15 7.24
N ASP F 97 7.38 -27.02 8.53
CA ASP F 97 6.84 -28.12 9.31
C ASP F 97 5.33 -27.87 9.45
N LEU F 98 4.54 -28.86 9.05
CA LEU F 98 3.09 -28.70 9.06
C LEU F 98 2.43 -29.48 10.19
N TYR F 99 1.81 -28.74 11.12
CA TYR F 99 1.17 -29.38 12.27
C TYR F 99 -0.35 -29.22 12.27
N GLN F 100 -1.00 -30.35 12.53
CA GLN F 100 -2.41 -30.41 12.90
C GLN F 100 -2.41 -30.76 14.39
N GLU F 101 -2.84 -29.81 15.22
CA GLU F 101 -2.67 -29.90 16.68
C GLU F 101 -1.16 -30.02 16.94
N GLU F 102 -0.73 -30.94 17.80
CA GLU F 102 0.70 -31.15 17.99
C GLU F 102 1.32 -32.09 16.95
N THR F 103 0.48 -32.88 16.27
CA THR F 103 0.99 -33.91 15.34
C THR F 103 1.55 -33.31 14.05
N LEU F 104 2.73 -33.80 13.64
CA LEU F 104 3.40 -33.35 12.42
C LEU F 104 2.97 -34.18 11.21
N MET F 105 2.38 -33.52 10.22
CA MET F 105 1.77 -34.22 9.10
C MET F 105 2.67 -34.28 7.87
N ALA F 106 3.36 -33.18 7.59
CA ALA F 106 4.22 -33.11 6.41
C ALA F 106 5.36 -32.12 6.62
N GLN F 107 6.42 -32.31 5.85
CA GLN F 107 7.59 -31.43 5.88
C GLN F 107 8.09 -31.03 4.49
N GLY F 108 8.13 -29.73 4.23
CA GLY F 108 8.58 -29.25 2.95
C GLY F 108 9.91 -28.54 3.00
N VAL F 109 10.73 -28.74 1.97
CA VAL F 109 12.02 -28.07 1.87
C VAL F 109 12.15 -27.45 0.48
N SER F 110 12.43 -26.15 0.44
CA SER F 110 12.54 -25.45 -0.83
C SER F 110 13.85 -24.69 -1.00
N LYS F 111 14.52 -24.93 -2.11
CA LYS F 111 15.68 -24.13 -2.48
C LYS F 111 15.22 -22.99 -3.37
N ILE F 112 15.45 -21.79 -2.87
CA ILE F 112 15.05 -20.56 -3.53
C ILE F 112 16.32 -19.81 -3.84
N VAL F 113 16.42 -19.18 -5.01
CA VAL F 113 17.62 -18.42 -5.31
C VAL F 113 17.28 -16.97 -5.57
N TRP F 114 18.15 -16.07 -5.10
CA TRP F 114 17.97 -14.66 -5.37
C TRP F 114 18.66 -14.39 -6.69
N ILE F 115 17.94 -13.75 -7.60
CA ILE F 115 18.48 -13.43 -8.92
C ILE F 115 18.04 -12.08 -9.46
N ASP F 116 18.76 -11.59 -10.45
CA ASP F 116 18.33 -10.44 -11.23
C ASP F 116 17.46 -10.97 -12.38
N TYR F 117 16.18 -10.63 -12.37
CA TYR F 117 15.18 -11.20 -13.29
C TYR F 117 15.39 -10.96 -14.78
N THR F 118 15.76 -9.73 -15.16
CA THR F 118 15.89 -9.38 -16.58
C THR F 118 16.93 -10.26 -17.24
N GLN F 119 18.03 -10.43 -16.53
CA GLN F 119 19.15 -11.20 -17.04
C GLN F 119 19.05 -12.68 -16.67
N ASN F 120 18.15 -12.99 -15.74
CA ASN F 120 18.03 -14.35 -15.22
C ASN F 120 19.38 -14.76 -14.65
N LYS F 121 20.01 -13.82 -13.97
CA LYS F 121 21.36 -13.99 -13.46
C LYS F 121 21.39 -13.75 -11.96
N SER F 122 22.23 -14.51 -11.28
CA SER F 122 22.31 -14.52 -9.83
C SER F 122 22.77 -13.23 -9.15
N VAL F 123 22.09 -12.92 -8.05
CA VAL F 123 22.44 -11.83 -7.15
C VAL F 123 22.25 -12.38 -5.71
N PRO F 124 23.07 -11.92 -4.75
CA PRO F 124 23.03 -12.41 -3.35
C PRO F 124 21.77 -12.10 -2.57
N LEU F 125 21.68 -12.70 -1.40
CA LEU F 125 20.52 -12.51 -0.53
C LEU F 125 20.59 -11.14 0.11
N PRO F 126 19.43 -10.50 0.25
CA PRO F 126 19.30 -9.20 0.92
C PRO F 126 19.68 -9.40 2.38
N ASP F 127 20.15 -8.35 3.01
CA ASP F 127 20.65 -8.44 4.38
C ASP F 127 19.51 -8.69 5.36
N ILE F 128 18.28 -8.36 4.95
CA ILE F 128 17.11 -8.55 5.80
C ILE F 128 16.84 -10.02 6.05
N ILE F 129 17.22 -10.87 5.09
CA ILE F 129 17.09 -12.32 5.23
C ILE F 129 18.21 -12.88 6.09
N ARG F 130 19.41 -12.34 5.94
CA ARG F 130 20.55 -12.73 6.76
C ARG F 130 20.27 -12.48 8.24
N ILE G 7 -35.02 -17.05 8.62
CA ILE G 7 -34.73 -17.24 7.20
C ILE G 7 -33.68 -16.27 6.65
N ASN G 8 -33.96 -14.98 6.52
CA ASN G 8 -33.03 -14.18 5.74
C ASN G 8 -31.95 -13.52 6.59
N LYS G 9 -31.69 -14.09 7.76
CA LYS G 9 -30.64 -13.61 8.64
C LYS G 9 -29.27 -14.20 8.29
N ILE G 10 -28.21 -13.44 8.55
CA ILE G 10 -26.85 -13.94 8.35
C ILE G 10 -26.60 -15.02 9.38
N ILE G 11 -26.52 -16.28 8.95
CA ILE G 11 -26.36 -17.36 9.92
C ILE G 11 -24.99 -18.02 9.93
N HIS G 12 -24.05 -17.46 9.18
CA HIS G 12 -22.68 -17.96 9.23
C HIS G 12 -21.73 -16.86 8.76
N LYS G 13 -20.67 -16.65 9.53
CA LYS G 13 -19.69 -15.62 9.21
C LYS G 13 -18.29 -16.20 9.28
N LYS G 14 -17.64 -16.32 8.11
CA LYS G 14 -16.29 -16.86 8.06
C LYS G 14 -15.29 -15.83 7.55
N THR G 15 -14.31 -15.50 8.39
CA THR G 15 -13.26 -14.55 8.00
C THR G 15 -11.95 -15.30 7.72
N PHE G 16 -11.28 -14.91 6.64
CA PHE G 16 -10.03 -15.52 6.25
C PHE G 16 -9.20 -14.58 5.39
N ASP G 17 -7.98 -15.00 5.06
CA ASP G 17 -7.08 -14.18 4.26
C ASP G 17 -6.82 -14.76 2.88
N ILE G 18 -6.69 -13.87 1.90
CA ILE G 18 -6.46 -14.27 0.51
C ILE G 18 -5.05 -14.78 0.28
N ALA G 19 -4.97 -15.89 -0.44
CA ALA G 19 -3.69 -16.44 -0.86
C ALA G 19 -3.24 -15.75 -2.14
N TRP G 20 -1.94 -15.47 -2.23
CA TRP G 20 -1.40 -14.82 -3.42
C TRP G 20 -1.58 -15.68 -4.67
N GLY G 21 -1.53 -17.00 -4.49
CA GLY G 21 -1.66 -17.94 -5.58
C GLY G 21 -3.06 -18.10 -6.15
N ASP G 22 -4.03 -17.48 -5.48
CA ASP G 22 -5.41 -17.50 -5.93
C ASP G 22 -5.59 -16.61 -7.15
N MET G 23 -4.67 -15.66 -7.29
CA MET G 23 -4.70 -14.72 -8.40
C MET G 23 -4.24 -15.35 -9.70
N ASP G 24 -4.81 -14.87 -10.81
CA ASP G 24 -4.37 -15.30 -12.13
C ASP G 24 -3.31 -14.32 -12.64
N ALA G 25 -2.91 -14.46 -13.89
CA ALA G 25 -1.79 -13.70 -14.42
C ALA G 25 -2.08 -12.22 -14.59
N LEU G 26 -3.31 -11.81 -14.32
CA LEU G 26 -3.67 -10.40 -14.47
C LEU G 26 -3.72 -9.68 -13.13
N GLY G 27 -3.28 -10.36 -12.07
CA GLY G 27 -3.09 -9.72 -10.79
C GLY G 27 -4.32 -9.58 -9.92
N HIS G 28 -5.31 -10.44 -10.13
CA HIS G 28 -6.47 -10.45 -9.25
C HIS G 28 -6.98 -11.87 -9.01
N VAL G 29 -7.69 -12.05 -7.89
CA VAL G 29 -8.25 -13.35 -7.52
C VAL G 29 -9.15 -13.93 -8.62
N ASN G 30 -8.91 -15.19 -8.97
CA ASN G 30 -9.71 -15.87 -9.99
C ASN G 30 -11.17 -16.03 -9.58
N ASN G 31 -12.05 -16.00 -10.57
CA ASN G 31 -13.48 -16.00 -10.31
C ASN G 31 -13.97 -17.32 -9.71
N ALA G 32 -13.34 -18.42 -10.09
CA ALA G 32 -13.71 -19.73 -9.55
C ALA G 32 -13.41 -19.81 -8.05
N ARG G 33 -12.39 -19.06 -7.63
CA ARG G 33 -11.99 -19.06 -6.23
C ARG G 33 -13.09 -18.50 -5.34
N TYR G 34 -13.91 -17.61 -5.89
CA TYR G 34 -15.04 -17.07 -5.15
C TYR G 34 -15.98 -18.22 -4.80
N PHE G 35 -16.18 -19.10 -5.79
CA PHE G 35 -17.06 -20.24 -5.61
C PHE G 35 -16.45 -21.21 -4.60
N ASP G 36 -15.12 -21.30 -4.58
CA ASP G 36 -14.45 -22.05 -3.51
C ASP G 36 -14.76 -21.46 -2.13
N TYR G 37 -14.74 -20.13 -2.04
CA TYR G 37 -15.04 -19.43 -0.79
C TYR G 37 -16.46 -19.75 -0.32
N PHE G 38 -17.42 -19.62 -1.25
CA PHE G 38 -18.83 -19.85 -0.96
C PHE G 38 -18.99 -21.28 -0.48
N GLN G 39 -18.30 -22.18 -1.18
CA GLN G 39 -18.25 -23.59 -0.82
C GLN G 39 -17.82 -23.82 0.62
N GLU G 40 -16.72 -23.18 1.02
CA GLU G 40 -16.20 -23.39 2.37
C GLU G 40 -17.11 -22.81 3.43
N ALA G 41 -17.74 -21.67 3.14
CA ALA G 41 -18.68 -21.09 4.08
C ALA G 41 -19.86 -22.04 4.30
N ARG G 42 -20.42 -22.53 3.20
CA ARG G 42 -21.55 -23.46 3.25
C ARG G 42 -21.20 -24.71 4.03
N ILE G 43 -20.09 -25.35 3.67
CA ILE G 43 -19.67 -26.59 4.32
C ILE G 43 -19.37 -26.42 5.80
N ASP G 44 -18.68 -25.34 6.16
CA ASP G 44 -18.36 -25.08 7.56
C ASP G 44 -19.66 -24.93 8.36
N TRP G 45 -20.60 -24.15 7.83
CA TRP G 45 -21.87 -23.95 8.53
C TRP G 45 -22.68 -25.25 8.63
N LEU G 46 -22.64 -26.07 7.58
CA LEU G 46 -23.32 -27.36 7.62
C LEU G 46 -22.70 -28.27 8.68
N ARG G 47 -21.38 -28.15 8.84
CA ARG G 47 -20.69 -28.83 9.94
C ARG G 47 -21.21 -28.36 11.28
N GLU G 48 -21.52 -27.07 11.38
CA GLU G 48 -22.12 -26.55 12.62
C GLU G 48 -23.51 -27.15 12.94
N LEU G 49 -24.22 -27.63 11.92
CA LEU G 49 -25.56 -28.18 12.11
C LEU G 49 -25.65 -29.69 12.12
N ASP G 50 -24.53 -30.36 12.41
CA ASP G 50 -24.46 -31.81 12.46
C ASP G 50 -24.79 -32.38 11.08
N ILE G 51 -24.47 -31.61 10.04
CA ILE G 51 -24.66 -32.09 8.69
C ILE G 51 -23.31 -32.38 8.07
N LYS G 52 -23.13 -33.60 7.59
CA LYS G 52 -21.84 -34.06 7.12
C LYS G 52 -21.90 -34.48 5.66
N MET G 53 -20.76 -34.40 5.00
CA MET G 53 -20.61 -34.81 3.61
C MET G 53 -20.49 -36.33 3.55
N THR G 54 -20.34 -36.93 4.74
CA THR G 54 -20.13 -38.35 4.92
C THR G 54 -21.31 -39.25 4.54
N GLY G 55 -22.53 -38.82 4.88
CA GLY G 55 -23.70 -39.67 4.80
C GLY G 55 -24.14 -40.20 3.44
N GLN G 56 -25.10 -41.12 3.45
CA GLN G 56 -25.64 -41.71 2.23
C GLN G 56 -26.37 -40.67 1.40
N THR G 57 -27.02 -39.74 2.11
CA THR G 57 -27.78 -38.66 1.49
C THR G 57 -27.13 -37.33 1.79
N GLY G 58 -27.23 -36.38 0.86
CA GLY G 58 -26.62 -35.09 1.09
C GLY G 58 -26.95 -34.03 0.05
N PRO G 59 -26.45 -32.81 0.27
CA PRO G 59 -26.68 -31.65 -0.60
C PRO G 59 -25.89 -31.69 -1.91
N VAL G 60 -26.53 -31.19 -2.96
CA VAL G 60 -25.87 -31.00 -4.24
C VAL G 60 -26.27 -29.66 -4.85
N VAL G 61 -25.29 -28.88 -5.33
CA VAL G 61 -25.56 -27.60 -5.96
C VAL G 61 -26.04 -27.81 -7.39
N ILE G 62 -27.17 -27.21 -7.76
CA ILE G 62 -27.64 -27.38 -9.13
C ILE G 62 -27.37 -26.11 -9.92
N HIS G 63 -27.39 -24.96 -9.24
CA HIS G 63 -27.03 -23.70 -9.89
C HIS G 63 -26.18 -22.85 -8.94
N VAL G 64 -25.29 -22.06 -9.52
CA VAL G 64 -24.49 -21.12 -8.75
C VAL G 64 -24.11 -19.94 -9.63
N ALA G 65 -24.01 -18.76 -9.03
CA ALA G 65 -23.76 -17.52 -9.75
C ALA G 65 -22.96 -16.55 -8.90
N CYS G 66 -22.23 -15.66 -9.55
CA CYS G 66 -21.48 -14.65 -8.82
C CYS G 66 -21.44 -13.31 -9.57
N THR G 67 -21.61 -12.24 -8.82
CA THR G 67 -21.51 -10.88 -9.33
C THR G 67 -20.27 -10.24 -8.75
N PHE G 68 -19.39 -9.77 -9.62
CA PHE G 68 -18.13 -9.18 -9.20
C PHE G 68 -18.21 -7.67 -9.29
N LEU G 69 -18.19 -7.02 -8.13
CA LEU G 69 -18.39 -5.57 -8.07
C LEU G 69 -17.04 -4.88 -8.00
N LYS G 70 -16.16 -5.42 -7.16
CA LYS G 70 -14.81 -4.92 -7.03
C LYS G 70 -13.84 -6.09 -6.90
N PRO G 71 -12.72 -6.04 -7.66
CA PRO G 71 -11.70 -7.09 -7.65
C PRO G 71 -10.97 -7.21 -6.31
N ILE G 72 -10.58 -8.42 -5.94
CA ILE G 72 -9.84 -8.63 -4.71
C ILE G 72 -8.39 -8.95 -5.06
N VAL G 73 -7.47 -8.22 -4.44
CA VAL G 73 -6.04 -8.36 -4.70
C VAL G 73 -5.25 -8.69 -3.43
N TYR G 74 -4.22 -9.52 -3.56
CA TYR G 74 -3.33 -9.87 -2.47
C TYR G 74 -2.48 -8.67 -2.02
N PRO G 75 -2.36 -8.47 -0.70
CA PRO G 75 -3.03 -9.23 0.36
C PRO G 75 -4.39 -8.64 0.74
N ALA G 76 -5.29 -9.49 1.21
CA ALA G 76 -6.63 -9.04 1.59
C ALA G 76 -7.25 -9.91 2.68
N THR G 77 -7.78 -9.27 3.72
CA THR G 77 -8.55 -9.96 4.75
C THR G 77 -10.03 -9.77 4.49
N VAL G 78 -10.74 -10.87 4.23
CA VAL G 78 -12.12 -10.80 3.82
C VAL G 78 -13.09 -11.49 4.78
N THR G 79 -14.31 -10.98 4.81
CA THR G 79 -15.38 -11.55 5.63
C THR G 79 -16.55 -11.98 4.75
N ILE G 80 -17.07 -13.18 5.01
CA ILE G 80 -18.23 -13.68 4.28
C ILE G 80 -19.49 -13.70 5.14
N HIS G 81 -20.55 -13.09 4.63
CA HIS G 81 -21.84 -13.12 5.32
C HIS G 81 -22.82 -13.96 4.50
N SER G 82 -23.32 -15.03 5.10
CA SER G 82 -24.13 -16.00 4.38
C SER G 82 -25.53 -16.09 4.97
N LYS G 83 -26.54 -16.16 4.10
CA LYS G 83 -27.92 -16.27 4.56
C LYS G 83 -28.68 -17.31 3.72
N VAL G 84 -29.58 -18.07 4.36
CA VAL G 84 -30.38 -19.02 3.62
C VAL G 84 -31.79 -18.46 3.46
N ASN G 85 -32.30 -18.31 2.26
CA ASN G 85 -33.62 -17.70 2.19
C ASN G 85 -34.80 -18.60 1.85
N SER G 86 -34.74 -19.31 0.74
CA SER G 86 -35.96 -19.99 0.34
C SER G 86 -35.80 -21.48 0.44
N LEU G 87 -36.64 -22.10 1.27
CA LEU G 87 -36.57 -23.53 1.48
C LEU G 87 -37.74 -24.17 0.75
N GLY G 88 -37.40 -25.05 -0.18
CA GLY G 88 -38.35 -25.84 -0.92
C GLY G 88 -38.59 -27.16 -0.24
N ASN G 89 -39.06 -28.13 -1.02
CA ASN G 89 -39.23 -29.47 -0.47
C ASN G 89 -37.89 -30.18 -0.41
N SER G 90 -37.11 -30.09 -1.48
CA SER G 90 -35.76 -30.64 -1.48
C SER G 90 -34.68 -29.56 -1.59
N SER G 91 -35.08 -28.40 -2.10
CA SER G 91 -34.12 -27.36 -2.44
C SER G 91 -34.07 -26.22 -1.43
N MET G 92 -32.98 -25.49 -1.48
CA MET G 92 -32.82 -24.27 -0.69
C MET G 92 -31.91 -23.34 -1.46
N ILE G 93 -32.05 -22.04 -1.26
CA ILE G 93 -31.15 -21.10 -1.90
C ILE G 93 -30.32 -20.41 -0.83
N MET G 94 -29.01 -20.30 -1.09
CA MET G 94 -28.09 -19.65 -0.16
C MET G 94 -27.39 -18.48 -0.84
N ASP G 95 -27.31 -17.37 -0.11
CA ASP G 95 -26.73 -16.15 -0.61
C ASP G 95 -25.46 -15.84 0.16
N HIS G 96 -24.46 -15.35 -0.56
CA HIS G 96 -23.16 -15.05 0.01
C HIS G 96 -22.68 -13.65 -0.31
N ASP G 97 -22.45 -12.85 0.71
CA ASP G 97 -21.86 -11.53 0.53
C ASP G 97 -20.38 -11.56 0.89
N LEU G 98 -19.55 -11.12 -0.04
CA LEU G 98 -18.11 -11.12 0.16
C LEU G 98 -17.64 -9.69 0.37
N TYR G 99 -17.15 -9.42 1.59
CA TYR G 99 -16.73 -8.09 1.99
C TYR G 99 -15.22 -7.99 2.17
N GLN G 100 -14.61 -6.93 1.66
CA GLN G 100 -13.28 -6.55 2.11
C GLN G 100 -13.46 -5.31 2.94
N GLU G 101 -13.12 -5.44 4.22
CA GLU G 101 -13.39 -4.45 5.22
C GLU G 101 -14.91 -4.27 5.25
N GLU G 102 -15.35 -3.02 5.25
CA GLU G 102 -16.77 -2.72 5.19
C GLU G 102 -17.30 -2.75 3.74
N THR G 103 -16.39 -2.75 2.77
CA THR G 103 -16.77 -2.74 1.36
C THR G 103 -17.25 -4.13 0.94
N LEU G 104 -18.38 -4.20 0.26
CA LEU G 104 -18.89 -5.47 -0.23
C LEU G 104 -18.28 -5.68 -1.60
N MET G 105 -17.56 -6.78 -1.76
CA MET G 105 -16.77 -7.02 -2.97
C MET G 105 -17.49 -7.88 -3.98
N ALA G 106 -18.26 -8.85 -3.50
CA ALA G 106 -18.92 -9.76 -4.43
C ALA G 106 -20.23 -10.31 -3.90
N GLN G 107 -21.07 -10.80 -4.80
CA GLN G 107 -22.34 -11.41 -4.39
C GLN G 107 -22.59 -12.76 -5.09
N GLY G 108 -22.68 -13.81 -4.30
CA GLY G 108 -22.89 -15.15 -4.81
C GLY G 108 -24.24 -15.75 -4.47
N VAL G 109 -24.79 -16.53 -5.39
CA VAL G 109 -26.05 -17.23 -5.16
C VAL G 109 -25.92 -18.70 -5.53
N SER G 110 -26.19 -19.59 -4.58
CA SER G 110 -26.10 -21.02 -4.87
C SER G 110 -27.37 -21.73 -4.47
N LYS G 111 -27.97 -22.44 -5.40
CA LYS G 111 -29.13 -23.26 -5.10
C LYS G 111 -28.69 -24.70 -4.84
N ILE G 112 -29.10 -25.21 -3.68
CA ILE G 112 -28.67 -26.51 -3.19
C ILE G 112 -29.83 -27.48 -3.18
N VAL G 113 -29.57 -28.72 -3.57
CA VAL G 113 -30.58 -29.76 -3.55
C VAL G 113 -30.12 -30.93 -2.70
N TRP G 114 -31.04 -31.54 -1.95
CA TRP G 114 -30.72 -32.76 -1.22
C TRP G 114 -30.99 -34.00 -2.05
N ILE G 115 -30.01 -34.90 -2.06
CA ILE G 115 -30.14 -36.14 -2.83
C ILE G 115 -29.56 -37.34 -2.09
N ASP G 116 -29.95 -38.52 -2.55
CA ASP G 116 -29.25 -39.73 -2.18
C ASP G 116 -28.10 -39.84 -3.17
N TYR G 117 -26.88 -39.77 -2.66
CA TYR G 117 -25.70 -39.69 -3.54
C TYR G 117 -25.62 -40.88 -4.47
N THR G 118 -25.90 -42.06 -3.93
CA THR G 118 -25.83 -43.28 -4.71
C THR G 118 -26.83 -43.30 -5.87
N GLN G 119 -28.05 -42.85 -5.59
CA GLN G 119 -29.12 -42.88 -6.58
C GLN G 119 -29.27 -41.63 -7.46
N ASN G 120 -28.61 -40.53 -7.08
CA ASN G 120 -28.75 -39.26 -7.81
C ASN G 120 -30.20 -38.79 -7.92
N LYS G 121 -30.96 -38.96 -6.84
CA LYS G 121 -32.35 -38.55 -6.84
C LYS G 121 -32.62 -37.66 -5.65
N SER G 122 -33.46 -36.65 -5.87
CA SER G 122 -33.76 -35.65 -4.86
C SER G 122 -34.48 -36.25 -3.67
N VAL G 123 -34.15 -35.75 -2.49
CA VAL G 123 -34.83 -36.12 -1.24
C VAL G 123 -35.14 -34.85 -0.47
N PRO G 124 -36.18 -34.87 0.39
CA PRO G 124 -36.57 -33.66 1.11
C PRO G 124 -35.48 -33.09 2.03
N LEU G 125 -35.69 -31.86 2.48
CA LEU G 125 -34.72 -31.16 3.32
C LEU G 125 -34.70 -31.73 4.73
N PRO G 126 -33.52 -31.77 5.36
CA PRO G 126 -33.38 -32.25 6.74
C PRO G 126 -34.19 -31.40 7.69
N ASP G 127 -34.59 -31.96 8.83
CA ASP G 127 -35.49 -31.28 9.75
C ASP G 127 -34.79 -30.11 10.43
N ILE G 128 -33.47 -30.22 10.55
CA ILE G 128 -32.66 -29.19 11.19
C ILE G 128 -32.68 -27.92 10.33
N ILE G 129 -32.85 -28.10 9.02
CA ILE G 129 -33.00 -26.97 8.12
C ILE G 129 -34.42 -26.43 8.17
N ARG G 130 -35.39 -27.33 8.28
CA ARG G 130 -36.80 -26.96 8.40
C ARG G 130 -37.07 -26.11 9.63
N ASN G 131 -36.27 -26.30 10.68
CA ASN G 131 -36.45 -25.56 11.92
C ASN G 131 -36.02 -24.09 11.87
N LEU G 132 -35.43 -23.68 10.75
CA LEU G 132 -34.89 -22.33 10.62
C LEU G 132 -35.84 -21.27 10.07
N VAL G 133 -37.13 -21.58 9.98
CA VAL G 133 -38.09 -20.59 9.49
C VAL G 133 -38.72 -19.75 10.60
N GLU H 6 -26.03 -15.10 -36.85
CA GLU H 6 -24.85 -14.26 -36.74
C GLU H 6 -24.34 -14.26 -35.29
N ILE H 7 -25.18 -13.77 -34.38
CA ILE H 7 -24.79 -13.55 -33.01
C ILE H 7 -24.78 -14.86 -32.21
N ASN H 8 -25.92 -15.56 -32.15
CA ASN H 8 -26.07 -16.70 -31.24
C ASN H 8 -25.71 -18.03 -31.86
N LYS H 9 -24.87 -18.01 -32.89
CA LYS H 9 -24.40 -19.27 -33.45
C LYS H 9 -23.21 -19.74 -32.62
N ILE H 10 -23.06 -21.06 -32.49
CA ILE H 10 -21.91 -21.62 -31.78
C ILE H 10 -20.65 -21.31 -32.56
N ILE H 11 -19.79 -20.42 -32.04
CA ILE H 11 -18.60 -20.07 -32.79
C ILE H 11 -17.35 -20.66 -32.15
N HIS H 12 -17.53 -21.59 -31.22
CA HIS H 12 -16.39 -22.28 -30.63
C HIS H 12 -16.78 -23.64 -30.05
N LYS H 13 -15.93 -24.63 -30.33
CA LYS H 13 -16.17 -25.98 -29.85
C LYS H 13 -14.88 -26.47 -29.20
N LYS H 14 -14.88 -26.64 -27.87
CA LYS H 14 -13.68 -27.16 -27.22
C LYS H 14 -13.94 -28.51 -26.56
N THR H 15 -13.29 -29.55 -27.07
CA THR H 15 -13.44 -30.87 -26.48
C THR H 15 -12.16 -31.23 -25.73
N PHE H 16 -12.32 -31.81 -24.54
CA PHE H 16 -11.15 -32.18 -23.74
C PHE H 16 -11.48 -33.30 -22.75
N ASP H 17 -10.47 -33.77 -22.01
CA ASP H 17 -10.65 -34.87 -21.07
C ASP H 17 -10.54 -34.39 -19.62
N ILE H 18 -11.35 -34.97 -18.75
CA ILE H 18 -11.37 -34.56 -17.35
C ILE H 18 -10.14 -35.04 -16.60
N ALA H 19 -9.55 -34.15 -15.80
CA ALA H 19 -8.43 -34.48 -14.94
C ALA H 19 -8.93 -35.11 -13.65
N TRP H 20 -8.22 -36.12 -13.14
CA TRP H 20 -8.65 -36.79 -11.91
C TRP H 20 -8.67 -35.84 -10.72
N GLY H 21 -7.74 -34.90 -10.70
CA GLY H 21 -7.63 -33.95 -9.61
C GLY H 21 -8.73 -32.91 -9.64
N ASP H 22 -9.53 -32.92 -10.69
CA ASP H 22 -10.65 -32.00 -10.81
C ASP H 22 -11.79 -32.42 -9.90
N MET H 23 -11.81 -33.70 -9.53
CA MET H 23 -12.84 -34.24 -8.65
C MET H 23 -12.63 -33.84 -7.19
N ASP H 24 -13.73 -33.64 -6.47
CA ASP H 24 -13.65 -33.39 -5.03
C ASP H 24 -13.89 -34.71 -4.28
N ALA H 25 -14.04 -34.62 -2.97
CA ALA H 25 -14.11 -35.81 -2.12
C ALA H 25 -15.38 -36.63 -2.31
N LEU H 26 -16.29 -36.16 -3.16
CA LEU H 26 -17.53 -36.89 -3.41
C LEU H 26 -17.48 -37.64 -4.73
N GLY H 27 -16.32 -37.63 -5.39
CA GLY H 27 -16.11 -38.46 -6.54
C GLY H 27 -16.66 -37.91 -7.85
N HIS H 28 -16.85 -36.60 -7.90
CA HIS H 28 -17.25 -35.97 -9.16
C HIS H 28 -16.54 -34.63 -9.29
N VAL H 29 -16.47 -34.12 -10.52
CA VAL H 29 -15.78 -32.87 -10.80
C VAL H 29 -16.30 -31.73 -9.94
N ASN H 30 -15.38 -31.04 -9.27
CA ASN H 30 -15.74 -29.92 -8.42
C ASN H 30 -16.33 -28.79 -9.22
N ASN H 31 -17.25 -28.06 -8.61
CA ASN H 31 -18.03 -27.04 -9.31
C ASN H 31 -17.26 -25.81 -9.77
N ALA H 32 -16.28 -25.37 -8.97
CA ALA H 32 -15.48 -24.20 -9.30
C ALA H 32 -14.63 -24.44 -10.54
N ARG H 33 -14.25 -25.69 -10.74
CA ARG H 33 -13.42 -26.11 -11.87
C ARG H 33 -14.11 -25.87 -13.22
N TYR H 34 -15.44 -25.91 -13.20
CA TYR H 34 -16.23 -25.67 -14.41
C TYR H 34 -15.98 -24.27 -14.94
N PHE H 35 -15.88 -23.32 -14.03
CA PHE H 35 -15.64 -21.94 -14.40
C PHE H 35 -14.23 -21.78 -14.99
N ASP H 36 -13.30 -22.60 -14.52
CA ASP H 36 -11.99 -22.70 -15.17
C ASP H 36 -12.15 -23.18 -16.60
N TYR H 37 -13.01 -24.17 -16.80
CA TYR H 37 -13.25 -24.72 -18.13
C TYR H 37 -13.78 -23.65 -19.08
N PHE H 38 -14.82 -22.96 -18.62
CA PHE H 38 -15.47 -21.91 -19.41
C PHE H 38 -14.46 -20.82 -19.72
N GLN H 39 -13.67 -20.47 -18.72
CA GLN H 39 -12.59 -19.51 -18.85
C GLN H 39 -11.64 -19.87 -19.98
N GLU H 40 -11.18 -21.13 -20.00
CA GLU H 40 -10.23 -21.53 -21.04
C GLU H 40 -10.88 -21.62 -22.44
N ALA H 41 -12.14 -22.05 -22.50
CA ALA H 41 -12.83 -22.12 -23.79
C ALA H 41 -12.92 -20.70 -24.38
N ARG H 42 -13.32 -19.77 -23.52
CA ARG H 42 -13.43 -18.37 -23.88
C ARG H 42 -12.10 -17.79 -24.37
N ILE H 43 -11.07 -17.95 -23.55
CA ILE H 43 -9.74 -17.43 -23.85
C ILE H 43 -9.16 -18.03 -25.14
N ASP H 44 -9.38 -19.33 -25.34
CA ASP H 44 -8.95 -19.99 -26.55
C ASP H 44 -9.63 -19.30 -27.75
N TRP H 45 -10.93 -19.07 -27.61
CA TRP H 45 -11.66 -18.41 -28.68
C TRP H 45 -11.17 -17.00 -29.00
N LEU H 46 -10.85 -16.21 -27.98
CA LEU H 46 -10.24 -14.91 -28.27
C LEU H 46 -8.86 -15.08 -28.91
N ARG H 47 -8.15 -16.12 -28.50
CA ARG H 47 -6.85 -16.43 -29.09
C ARG H 47 -6.92 -16.68 -30.59
N GLU H 48 -7.97 -17.35 -31.05
CA GLU H 48 -8.16 -17.53 -32.49
C GLU H 48 -8.42 -16.21 -33.25
N LEU H 49 -8.91 -15.19 -32.54
CA LEU H 49 -9.28 -13.91 -33.17
C LEU H 49 -8.26 -12.78 -33.01
N ASP H 50 -6.98 -13.12 -32.80
CA ASP H 50 -5.91 -12.13 -32.64
C ASP H 50 -6.18 -11.28 -31.39
N ILE H 51 -6.84 -11.89 -30.41
CA ILE H 51 -7.07 -11.27 -29.12
C ILE H 51 -6.29 -12.00 -28.04
N LYS H 52 -5.47 -11.27 -27.29
CA LYS H 52 -4.56 -11.90 -26.35
C LYS H 52 -4.80 -11.41 -24.92
N MET H 53 -4.47 -12.27 -23.96
CA MET H 53 -4.58 -11.92 -22.54
C MET H 53 -3.37 -11.10 -22.15
N THR H 54 -2.38 -11.10 -23.03
CA THR H 54 -1.12 -10.41 -22.82
C THR H 54 -1.23 -8.89 -22.81
N GLY H 55 -2.06 -8.38 -23.73
CA GLY H 55 -2.11 -6.95 -24.02
C GLY H 55 -2.55 -5.99 -22.94
N GLN H 56 -2.37 -4.71 -23.20
CA GLN H 56 -2.72 -3.63 -22.29
C GLN H 56 -4.23 -3.56 -22.06
N THR H 57 -4.99 -3.92 -23.09
CA THR H 57 -6.45 -3.92 -23.01
C THR H 57 -6.99 -5.34 -23.08
N GLY H 58 -8.10 -5.59 -22.39
CA GLY H 58 -8.72 -6.89 -22.41
C GLY H 58 -10.03 -7.03 -21.66
N PRO H 59 -10.66 -8.22 -21.77
CA PRO H 59 -11.93 -8.63 -21.17
C PRO H 59 -11.88 -8.89 -19.66
N VAL H 60 -12.94 -8.51 -18.95
CA VAL H 60 -13.11 -8.80 -17.53
C VAL H 60 -14.52 -9.29 -17.22
N VAL H 61 -14.61 -10.36 -16.44
CA VAL H 61 -15.88 -10.95 -16.04
C VAL H 61 -16.58 -10.14 -14.94
N ILE H 62 -17.86 -9.78 -15.14
CA ILE H 62 -18.60 -9.07 -14.11
C ILE H 62 -19.56 -10.00 -13.38
N HIS H 63 -20.10 -10.96 -14.12
CA HIS H 63 -20.98 -11.95 -13.54
C HIS H 63 -20.69 -13.30 -14.19
N VAL H 64 -20.87 -14.37 -13.44
CA VAL H 64 -20.72 -15.70 -13.98
C VAL H 64 -21.62 -16.63 -13.18
N ALA H 65 -22.17 -17.62 -13.87
CA ALA H 65 -23.14 -18.52 -13.27
C ALA H 65 -23.08 -19.88 -13.93
N CYS H 66 -23.46 -20.93 -13.21
CA CYS H 66 -23.54 -22.25 -13.82
C CYS H 66 -24.66 -23.08 -13.23
N THR H 67 -25.36 -23.80 -14.10
CA THR H 67 -26.39 -24.74 -13.69
C THR H 67 -25.88 -26.14 -13.94
N PHE H 68 -25.88 -26.95 -12.88
CA PHE H 68 -25.32 -28.31 -12.92
C PHE H 68 -26.42 -29.36 -13.03
N LEU H 69 -26.44 -30.04 -14.17
CA LEU H 69 -27.54 -30.94 -14.52
C LEU H 69 -27.24 -32.42 -14.23
N LYS H 70 -26.04 -32.88 -14.57
CA LYS H 70 -25.61 -34.24 -14.25
C LYS H 70 -24.14 -34.22 -13.84
N PRO H 71 -23.80 -34.92 -12.75
CA PRO H 71 -22.43 -34.96 -12.23
C PRO H 71 -21.44 -35.63 -13.17
N ILE H 72 -20.20 -35.14 -13.18
CA ILE H 72 -19.14 -35.65 -14.05
C ILE H 72 -18.10 -36.46 -13.28
N VAL H 73 -17.75 -37.64 -13.81
CA VAL H 73 -16.81 -38.54 -13.15
C VAL H 73 -15.57 -38.84 -14.01
N TYR H 74 -14.41 -38.95 -13.36
CA TYR H 74 -13.17 -39.34 -14.01
C TYR H 74 -13.19 -40.81 -14.42
N PRO H 75 -12.76 -41.12 -15.65
CA PRO H 75 -12.32 -40.17 -16.68
C PRO H 75 -13.51 -39.73 -17.53
N ALA H 76 -13.43 -38.55 -18.12
CA ALA H 76 -14.53 -38.06 -18.91
C ALA H 76 -14.08 -37.14 -20.03
N THR H 77 -14.58 -37.40 -21.24
CA THR H 77 -14.36 -36.50 -22.35
C THR H 77 -15.60 -35.64 -22.53
N VAL H 78 -15.41 -34.34 -22.31
CA VAL H 78 -16.52 -33.39 -22.31
C VAL H 78 -16.27 -32.34 -23.39
N THR H 79 -17.35 -31.83 -23.97
CA THR H 79 -17.27 -30.78 -24.97
C THR H 79 -18.04 -29.54 -24.54
N ILE H 80 -17.41 -28.39 -24.73
CA ILE H 80 -18.03 -27.10 -24.43
C ILE H 80 -18.34 -26.42 -25.75
N HIS H 81 -19.60 -26.04 -25.92
CA HIS H 81 -20.01 -25.30 -27.11
C HIS H 81 -20.39 -23.89 -26.69
N SER H 82 -19.70 -22.90 -27.25
CA SER H 82 -19.85 -21.54 -26.76
C SER H 82 -20.40 -20.57 -27.80
N LYS H 83 -21.36 -19.74 -27.37
CA LYS H 83 -21.93 -18.73 -28.26
C LYS H 83 -22.16 -17.39 -27.54
N VAL H 84 -21.93 -16.27 -28.24
CA VAL H 84 -22.17 -14.94 -27.65
C VAL H 84 -23.41 -14.20 -28.17
N ASN H 85 -24.29 -13.77 -27.27
CA ASN H 85 -25.49 -13.08 -27.71
C ASN H 85 -25.59 -11.55 -27.48
N SER H 86 -25.47 -11.06 -26.25
CA SER H 86 -25.80 -9.64 -26.06
C SER H 86 -24.60 -8.70 -26.09
N LEU H 87 -24.54 -7.85 -27.11
CA LEU H 87 -23.43 -6.93 -27.24
C LEU H 87 -23.77 -5.46 -27.02
N GLY H 88 -23.15 -4.87 -26.01
CA GLY H 88 -23.14 -3.43 -25.85
C GLY H 88 -21.85 -3.09 -26.53
N ASN H 89 -21.29 -1.91 -26.26
CA ASN H 89 -19.95 -1.60 -26.78
C ASN H 89 -18.83 -2.18 -25.90
N SER H 90 -19.03 -2.26 -24.59
CA SER H 90 -18.01 -2.88 -23.75
C SER H 90 -18.51 -4.25 -23.28
N SER H 91 -19.81 -4.49 -23.34
CA SER H 91 -20.32 -5.74 -22.76
C SER H 91 -20.61 -6.81 -23.81
N MET H 92 -20.55 -8.07 -23.37
CA MET H 92 -20.96 -9.22 -24.16
C MET H 92 -21.30 -10.37 -23.20
N ILE H 93 -22.21 -11.25 -23.60
CA ILE H 93 -22.52 -12.44 -22.80
C ILE H 93 -22.16 -13.70 -23.58
N MET H 94 -21.51 -14.65 -22.92
CA MET H 94 -21.15 -15.89 -23.57
C MET H 94 -21.76 -17.06 -22.82
N ASP H 95 -22.35 -17.97 -23.58
CA ASP H 95 -23.02 -19.14 -23.03
C ASP H 95 -22.24 -20.38 -23.41
N HIS H 96 -22.17 -21.33 -22.47
CA HIS H 96 -21.40 -22.55 -22.67
C HIS H 96 -22.23 -23.78 -22.39
N ASP H 97 -22.38 -24.65 -23.38
CA ASP H 97 -23.07 -25.90 -23.15
C ASP H 97 -22.04 -27.00 -22.95
N LEU H 98 -22.08 -27.66 -21.80
CA LEU H 98 -21.10 -28.69 -21.51
C LEU H 98 -21.76 -30.06 -21.53
N TYR H 99 -21.34 -30.85 -22.54
CA TYR H 99 -21.86 -32.19 -22.79
C TYR H 99 -20.82 -33.27 -22.54
N GLN H 100 -21.24 -34.36 -21.92
CA GLN H 100 -20.45 -35.58 -21.98
C GLN H 100 -21.16 -36.51 -22.94
N GLU H 101 -20.52 -36.80 -24.06
CA GLU H 101 -21.12 -37.54 -25.17
C GLU H 101 -22.32 -36.73 -25.63
N GLU H 102 -23.47 -37.38 -25.75
CA GLU H 102 -24.72 -36.72 -26.10
C GLU H 102 -25.39 -36.03 -24.90
N THR H 103 -25.01 -36.45 -23.70
CA THR H 103 -25.62 -35.96 -22.46
C THR H 103 -25.20 -34.56 -22.05
N LEU H 104 -26.16 -33.74 -21.65
CA LEU H 104 -25.87 -32.40 -21.16
C LEU H 104 -25.56 -32.41 -19.67
N MET H 105 -24.35 -31.98 -19.34
CA MET H 105 -23.87 -32.08 -17.97
C MET H 105 -24.04 -30.74 -17.27
N ALA H 106 -23.76 -29.66 -17.99
CA ALA H 106 -23.84 -28.34 -17.37
C ALA H 106 -24.12 -27.22 -18.36
N GLN H 107 -24.60 -26.09 -17.84
CA GLN H 107 -24.83 -24.90 -18.65
C GLN H 107 -24.24 -23.66 -17.95
N GLY H 108 -23.31 -22.99 -18.63
CA GLY H 108 -22.64 -21.83 -18.07
C GLY H 108 -22.99 -20.51 -18.70
N VAL H 109 -23.02 -19.46 -17.89
CA VAL H 109 -23.30 -18.10 -18.35
C VAL H 109 -22.23 -17.13 -17.86
N SER H 110 -21.56 -16.42 -18.76
CA SER H 110 -20.54 -15.46 -18.35
C SER H 110 -20.73 -14.09 -18.99
N LYS H 111 -20.82 -13.06 -18.16
CA LYS H 111 -20.88 -11.67 -18.62
C LYS H 111 -19.53 -10.98 -18.59
N ILE H 112 -19.09 -10.53 -19.76
CA ILE H 112 -17.76 -9.93 -19.91
C ILE H 112 -17.80 -8.48 -20.38
N VAL H 113 -16.92 -7.65 -19.81
CA VAL H 113 -16.75 -6.28 -20.28
C VAL H 113 -15.30 -6.05 -20.68
N TRP H 114 -15.08 -5.24 -21.71
CA TRP H 114 -13.73 -4.88 -22.10
C TRP H 114 -13.24 -3.66 -21.34
N ILE H 115 -12.02 -3.76 -20.82
CA ILE H 115 -11.39 -2.67 -20.11
C ILE H 115 -9.91 -2.59 -20.44
N ASP H 116 -9.33 -1.43 -20.18
CA ASP H 116 -7.89 -1.28 -20.18
C ASP H 116 -7.48 -1.68 -18.77
N TYR H 117 -6.68 -2.74 -18.65
CA TYR H 117 -6.40 -3.35 -17.35
C TYR H 117 -5.77 -2.41 -16.34
N THR H 118 -4.78 -1.64 -16.78
CA THR H 118 -4.05 -0.74 -15.90
C THR H 118 -4.92 0.37 -15.33
N GLN H 119 -5.77 0.92 -16.18
CA GLN H 119 -6.61 2.07 -15.81
C GLN H 119 -7.92 1.64 -15.16
N ASN H 120 -8.24 0.35 -15.29
CA ASN H 120 -9.47 -0.22 -14.77
C ASN H 120 -10.67 0.51 -15.34
N LYS H 121 -10.58 0.87 -16.62
CA LYS H 121 -11.61 1.63 -17.31
C LYS H 121 -12.07 0.98 -18.60
N SER H 122 -13.36 1.16 -18.90
CA SER H 122 -14.01 0.53 -20.06
C SER H 122 -13.42 0.95 -21.40
N VAL H 123 -13.36 -0.02 -22.32
CA VAL H 123 -12.92 0.18 -23.69
C VAL H 123 -13.91 -0.52 -24.63
N PRO H 124 -14.05 -0.03 -25.88
CA PRO H 124 -15.02 -0.65 -26.80
C PRO H 124 -14.70 -2.11 -27.13
N LEU H 125 -15.67 -2.80 -27.70
CA LEU H 125 -15.51 -4.20 -28.04
C LEU H 125 -14.61 -4.25 -29.28
N PRO H 126 -13.73 -5.26 -29.38
CA PRO H 126 -12.85 -5.38 -30.54
C PRO H 126 -13.66 -5.55 -31.82
N ASP H 127 -13.09 -5.13 -32.96
CA ASP H 127 -13.82 -5.11 -34.21
C ASP H 127 -14.07 -6.51 -34.76
N ILE H 128 -13.19 -7.44 -34.44
CA ILE H 128 -13.33 -8.80 -34.94
C ILE H 128 -14.53 -9.47 -34.29
N ILE H 129 -14.83 -9.08 -33.05
CA ILE H 129 -16.00 -9.55 -32.33
C ILE H 129 -17.26 -8.78 -32.72
N ARG H 130 -17.11 -7.47 -32.90
CA ARG H 130 -18.19 -6.59 -33.34
C ARG H 130 -18.73 -7.00 -34.71
N ASN H 131 -17.87 -7.59 -35.52
CA ASN H 131 -18.21 -8.03 -36.87
C ASN H 131 -19.14 -9.24 -36.95
N LEU H 132 -19.47 -9.84 -35.81
CA LEU H 132 -20.26 -11.08 -35.83
C LEU H 132 -21.77 -10.85 -35.82
N VAL H 133 -22.19 -9.59 -36.03
CA VAL H 133 -23.61 -9.28 -36.07
C VAL H 133 -24.12 -9.34 -37.51
N1A COA I . 25.11 10.33 14.32
C2A COA I . 25.22 10.02 13.03
N3A COA I . 24.88 8.78 12.59
C4A COA I . 24.43 7.83 13.46
C5A COA I . 24.31 8.16 14.81
C6A COA I . 24.66 9.42 15.23
N6A COA I . 24.56 9.78 16.59
N7A COA I . 23.84 7.07 15.45
C8A COA I . 23.67 6.08 14.56
N9A COA I . 23.99 6.50 13.34
C1B COA I . 23.94 5.73 12.16
C2B COA I . 24.71 4.47 12.35
O2B COA I . 26.07 4.65 11.86
C3B COA I . 24.02 3.44 11.57
O3B COA I . 24.81 3.17 10.36
P3B COA I . 24.86 1.67 9.75
O7A COA I . 24.51 0.69 10.84
O8A COA I . 26.25 1.39 9.23
O9A COA I . 23.86 1.54 8.63
C4B COA I . 22.72 3.97 11.20
O4B COA I . 22.55 5.32 11.85
C5B COA I . 21.60 3.05 11.63
O5B COA I . 21.06 3.47 12.86
P1A COA I . 21.22 2.51 14.12
O1A COA I . 21.08 3.33 15.40
O2A COA I . 22.60 1.87 14.08
O3A COA I . 20.09 1.36 14.09
P2A COA I . 18.65 1.49 14.80
O4A COA I . 18.83 1.69 16.29
O5A COA I . 17.84 0.24 14.57
O6A COA I . 17.86 2.74 14.17
CBP COA I . 16.75 4.88 14.35
CCP COA I . 17.96 4.02 14.84
CDP COA I . 16.89 5.06 12.80
CEP COA I . 15.45 4.13 14.67
CAP COA I . 16.76 6.26 15.06
OAP COA I . 17.83 7.02 14.59
C9P COA I . 15.47 6.99 14.79
O9P COA I . 14.58 7.03 15.62
N8P COA I . 15.28 7.68 13.53
C7P COA I . 14.04 8.38 13.27
C6P COA I . 14.36 9.48 12.26
C5P COA I . 13.75 10.82 12.75
O5P COA I . 13.63 11.03 13.94
N4P COA I . 13.32 11.80 11.77
C3P COA I . 13.49 11.47 10.36
C2P COA I . 12.42 12.18 9.55
S1P COA I . 10.93 11.22 9.55
N1A COA J . 33.07 26.74 7.95
C2A COA J . 32.88 26.77 9.27
N3A COA J . 33.28 27.84 10.00
C4A COA J . 33.86 28.92 9.38
C5A COA J . 34.06 28.88 7.99
C6A COA J . 33.64 27.77 7.29
N6A COA J . 33.82 27.71 5.90
N7A COA J . 34.65 30.04 7.64
C8A COA J . 34.83 30.78 8.74
N9A COA J . 34.38 30.15 9.82
C1B COA J . 34.40 30.64 11.15
C2B COA J . 35.77 30.93 11.62
O2B COA J . 36.28 29.84 12.44
C3B COA J . 35.66 32.16 12.42
O3B COA J . 35.41 31.83 13.83
P3B COA J . 36.30 32.54 14.99
O7A COA J . 37.77 32.35 14.68
O8A COA J . 35.98 31.93 16.34
O9A COA J . 35.99 34.02 15.02
C4B COA J . 34.53 32.89 11.89
O4B COA J . 33.63 31.90 11.19
C5B COA J . 35.01 33.96 10.94
O5B COA J . 34.68 33.63 9.60
P1A COA J . 35.60 34.26 8.45
O1A COA J . 36.37 33.16 7.74
O2A COA J . 36.58 35.23 9.09
O3A COA J . 34.69 35.06 7.38
P2A COA J . 33.71 34.38 6.31
O4A COA J . 33.68 32.88 6.47
O5A COA J . 34.17 34.72 4.91
O6A COA J . 32.22 34.96 6.52
CBP COA J . 30.01 34.81 7.51
CCP COA J . 31.56 34.79 7.80
CDP COA J . 29.23 34.20 8.71
CEP COA J . 29.57 36.25 7.26
CAP COA J . 29.80 33.94 6.23
OAP COA J . 30.23 32.65 6.48
C9P COA J . 28.34 33.93 5.80
O9P COA J . 27.95 34.72 4.97
N8P COA J . 27.43 32.94 6.37
C7P COA J . 26.03 32.91 5.97
C6P COA J . 25.32 34.19 6.48
C5P COA J . 23.90 33.91 7.06
O5P COA J . 22.95 34.50 6.62
N4P COA J . 23.71 32.95 8.12
C3P COA J . 22.37 32.71 8.65
C2P COA J . 21.95 31.27 8.41
S1P COA J . 20.80 31.23 7.09
N1A COA K . -32.25 -24.05 -11.59
C2A COA K . -32.45 -23.84 -10.29
N3A COA K . -33.12 -24.77 -9.54
C4A COA K . -33.58 -25.93 -10.10
C5A COA K . -33.36 -26.13 -11.47
C6A COA K . -32.68 -25.17 -12.20
N6A COA K . -32.44 -25.36 -13.57
N7A COA K . -33.89 -27.33 -11.78
C8A COA K . -34.44 -27.87 -10.69
N9A COA K . -34.26 -27.05 -9.64
C1B COA K . -34.71 -27.29 -8.32
C2B COA K . -36.05 -27.92 -8.33
O2B COA K . -37.09 -26.90 -8.23
C3B COA K . -36.08 -28.79 -7.15
O3B COA K . -36.54 -28.01 -5.99
P3B COA K . -37.59 -28.66 -4.95
O7A COA K . -39.00 -28.52 -5.49
O8A COA K . -37.49 -27.94 -3.61
O9A COA K . -37.27 -30.11 -4.77
C4B COA K . -34.71 -29.21 -6.91
O4B COA K . -33.81 -28.27 -7.67
C5B COA K . -34.46 -30.64 -7.35
O5B COA K . -34.88 -30.86 -8.69
P1A COA K . -35.81 -32.13 -8.97
O1A COA K . -36.36 -32.05 -10.39
O2A COA K . -36.96 -32.14 -7.98
O3A COA K . -34.97 -33.49 -8.81
P2A COA K . -33.96 -34.07 -9.93
O4A COA K . -34.70 -34.26 -11.23
O5A COA K . -33.41 -35.40 -9.46
O6A COA K . -32.74 -33.03 -10.15
CBP COA K . -30.37 -33.54 -9.62
CCP COA K . -31.74 -32.94 -9.11
CDP COA K . -29.68 -34.33 -8.46
CEP COA K . -30.64 -34.50 -10.79
CAP COA K . -29.44 -32.37 -10.05
OAP COA K . -29.39 -31.42 -9.02
C9P COA K . -28.03 -32.85 -10.32
O9P COA K . -27.79 -33.60 -11.26
N8P COA K . -26.91 -32.44 -9.49
C7P COA K . -25.59 -32.94 -9.83
C6P COA K . -24.89 -31.96 -10.79
C5P COA K . -23.64 -31.36 -10.07
O5P COA K . -22.53 -31.49 -10.55
N4P COA K . -23.82 -30.65 -8.83
C3P COA K . -22.70 -30.08 -8.12
C2P COA K . -22.08 -31.10 -7.15
S1P COA K . -22.18 -30.47 -5.51
N1A COA L . -24.23 -6.58 -11.64
C2A COA L . -24.00 -6.95 -12.90
N3A COA L . -23.65 -6.02 -13.83
C4A COA L . -23.54 -4.71 -13.49
C5A COA L . -23.77 -4.32 -12.16
C6A COA L . -24.13 -5.29 -11.25
N6A COA L . -24.38 -4.94 -9.91
N7A COA L . -23.59 -3.00 -12.10
C8A COA L . -23.25 -2.53 -13.29
N9A COA L . -23.20 -3.54 -14.18
C1B COA L . -22.89 -3.46 -15.54
C2B COA L . -23.64 -2.41 -16.25
O2B COA L . -24.92 -2.92 -16.72
C3B COA L . -22.78 -2.06 -17.37
O3B COA L . -22.90 -3.08 -18.41
P3B COA L . -23.27 -2.65 -19.92
O7A COA L . -23.98 -3.78 -20.62
O8A COA L . -21.99 -2.32 -20.68
O9A COA L . -24.17 -1.44 -19.88
C4B COA L . -21.43 -2.10 -16.83
O4B COA L . -21.45 -3.11 -15.70
C5B COA L . -21.07 -0.75 -16.27
O5B COA L . -21.06 -0.85 -14.85
P1A COA L . -20.84 0.49 -14.02
O1A COA L . -22.02 1.43 -14.26
O2A COA L . -19.55 1.16 -14.47
O3A COA L . -20.75 0.13 -12.44
P2A COA L . -19.61 -0.81 -11.79
O4A COA L . -20.17 -2.20 -11.56
O5A COA L . -19.19 -0.22 -10.46
O6A COA L . -18.33 -0.90 -12.78
CBP COA L . -16.78 -2.67 -13.42
CCP COA L . -18.18 -1.99 -13.70
CDP COA L . -16.58 -3.92 -14.31
CEP COA L . -15.68 -1.66 -13.75
CAP COA L . -16.74 -3.08 -11.92
OAP COA L . -17.97 -3.60 -11.55
C9P COA L . -15.66 -4.11 -11.63
O9P COA L . -14.48 -3.87 -11.87
N8P COA L . -16.03 -5.38 -11.05
C7P COA L . -15.00 -6.37 -10.76
C6P COA L . -14.82 -7.34 -11.96
C5P COA L . -13.71 -8.39 -11.63
O5P COA L . -12.72 -8.04 -11.01
N4P COA L . -13.87 -9.75 -12.05
C3P COA L . -12.86 -10.74 -11.76
C2P COA L . -13.07 -11.29 -10.34
S1P COA L . -11.88 -10.59 -9.24
#